data_3ULF
#
_entry.id   3ULF
#
_cell.length_a   73.980
_cell.length_b   73.980
_cell.length_c   176.180
_cell.angle_alpha   90.00
_cell.angle_beta   90.00
_cell.angle_gamma   90.00
#
_symmetry.space_group_name_H-M   'P 43'
#
loop_
_entity.id
_entity.type
_entity.pdbx_description
1 polymer Aureochrome1
2 non-polymer 'FLAVIN MONONUCLEOTIDE'
3 non-polymer 'PHOSPHATE ION'
4 water water
#
_entity_poly.entity_id   1
_entity_poly.type   'polypeptide(L)'
_entity_poly.pdbx_seq_one_letter_code
;GSHMGHSMDSLIAQCSPEADTLLTDNPSKANRILEDPDYSLVKALQMAQQNFVITDASLPDNPIVYASRGFLTLTGYSLD
QILGRNCRFLQGPETDPRAVDKIRNAITKGVDTSVCLLNYRQDGTTFWNLFFVAGLRDSKGNIVNYVGVQSKVSEDYAKL
LVNEQNIEYK
;
_entity_poly.pdbx_strand_id   A,B,C,D,E,F
#
loop_
_chem_comp.id
_chem_comp.type
_chem_comp.name
_chem_comp.formula
FMN non-polymer 'FLAVIN MONONUCLEOTIDE' 'C17 H21 N4 O9 P'
PO4 non-polymer 'PHOSPHATE ION' 'O4 P -3'
#
# COMPACT_ATOMS: atom_id res chain seq x y z
N GLU A 35 -11.29 1.70 4.06
CA GLU A 35 -11.94 3.00 3.90
C GLU A 35 -11.55 3.68 2.60
N ASP A 36 -10.26 3.63 2.26
CA ASP A 36 -9.77 4.27 1.04
C ASP A 36 -8.90 3.32 0.19
N PRO A 37 -9.12 3.34 -1.12
CA PRO A 37 -8.58 2.40 -2.11
C PRO A 37 -7.06 2.42 -2.31
N ASP A 38 -6.50 1.27 -2.63
CA ASP A 38 -5.12 1.16 -3.06
C ASP A 38 -5.08 1.00 -4.57
N TYR A 39 -5.27 2.11 -5.28
CA TYR A 39 -5.41 2.12 -6.73
C TYR A 39 -4.08 2.03 -7.47
N SER A 40 -4.01 1.13 -8.44
CA SER A 40 -2.83 0.97 -9.28
C SER A 40 -2.50 2.28 -9.96
N LEU A 41 -3.53 2.93 -10.50
CA LEU A 41 -3.36 4.18 -11.22
C LEU A 41 -3.03 5.33 -10.28
N VAL A 42 -3.84 5.47 -9.24
CA VAL A 42 -3.68 6.58 -8.29
C VAL A 42 -2.30 6.56 -7.64
N LYS A 43 -1.85 5.38 -7.22
CA LYS A 43 -0.56 5.24 -6.57
C LYS A 43 0.60 5.50 -7.53
N ALA A 44 0.50 4.96 -8.73
CA ALA A 44 1.52 5.19 -9.74
C ALA A 44 1.69 6.68 -10.00
N LEU A 45 0.57 7.40 -9.95
CA LEU A 45 0.57 8.83 -10.24
C LEU A 45 1.11 9.67 -9.09
N GLN A 46 0.69 9.33 -7.87
CA GLN A 46 1.12 10.09 -6.70
C GLN A 46 2.63 10.04 -6.48
N MET A 47 3.23 8.91 -6.82
CA MET A 47 4.68 8.76 -6.69
C MET A 47 5.41 9.20 -7.96
N ALA A 48 4.70 9.94 -8.82
CA ALA A 48 5.22 10.32 -10.14
C ALA A 48 5.96 11.65 -10.14
N GLN A 49 5.63 12.52 -9.18
CA GLN A 49 6.21 13.85 -9.12
C GLN A 49 5.90 14.67 -10.38
N GLN A 50 4.63 14.68 -10.76
CA GLN A 50 4.15 15.47 -11.89
C GLN A 50 4.86 15.15 -13.20
N ASN A 51 5.44 13.96 -13.27
CA ASN A 51 6.12 13.52 -14.48
C ASN A 51 5.58 12.17 -14.93
N PHE A 52 4.55 12.21 -15.77
CA PHE A 52 3.89 10.99 -16.21
C PHE A 52 3.26 11.17 -17.58
N VAL A 53 2.87 10.06 -18.19
CA VAL A 53 2.07 10.10 -19.41
C VAL A 53 0.95 9.06 -19.38
N ILE A 54 -0.05 9.25 -20.25
CA ILE A 54 -1.10 8.27 -20.47
C ILE A 54 -1.08 7.86 -21.93
N THR A 55 -1.00 6.55 -22.19
CA THR A 55 -1.05 6.05 -23.56
C THR A 55 -2.35 5.32 -23.81
N ASP A 56 -2.77 5.27 -25.07
CA ASP A 56 -3.99 4.55 -25.43
C ASP A 56 -3.65 3.23 -26.12
N ALA A 57 -3.90 2.11 -25.43
CA ALA A 57 -3.57 0.80 -25.98
C ALA A 57 -4.48 0.38 -27.13
N SER A 58 -5.71 0.89 -27.15
CA SER A 58 -6.66 0.55 -28.20
C SER A 58 -6.19 1.12 -29.54
N LEU A 59 -5.42 2.20 -29.47
CA LEU A 59 -4.94 2.87 -30.67
C LEU A 59 -3.64 2.25 -31.19
N PRO A 60 -3.46 2.28 -32.52
CA PRO A 60 -2.31 1.68 -33.19
C PRO A 60 -0.98 2.18 -32.61
N ASP A 61 -0.17 1.23 -32.16
CA ASP A 61 1.15 1.51 -31.58
C ASP A 61 1.08 2.30 -30.27
N ASN A 62 0.04 2.05 -29.47
CA ASN A 62 -0.03 2.55 -28.11
C ASN A 62 0.57 3.95 -27.96
N PRO A 63 -0.08 4.95 -28.57
CA PRO A 63 0.42 6.33 -28.60
C PRO A 63 0.07 7.13 -27.36
N ILE A 64 0.94 8.07 -27.00
CA ILE A 64 0.71 8.99 -25.89
C ILE A 64 -0.48 9.88 -26.19
N VAL A 65 -1.47 9.86 -25.30
CA VAL A 65 -2.65 10.70 -25.47
C VAL A 65 -2.72 11.78 -24.39
N TYR A 66 -1.84 11.69 -23.41
CA TYR A 66 -1.68 12.78 -22.44
C TYR A 66 -0.28 12.79 -21.83
N ALA A 67 0.22 13.99 -21.55
CA ALA A 67 1.52 14.16 -20.90
C ALA A 67 1.47 15.33 -19.92
N SER A 68 2.01 15.11 -18.73
CA SER A 68 2.13 16.17 -17.73
C SER A 68 3.18 17.19 -18.14
N ARG A 69 3.09 18.40 -17.60
CA ARG A 69 4.07 19.43 -17.90
C ARG A 69 5.47 18.99 -17.48
N GLY A 70 5.53 18.19 -16.41
CA GLY A 70 6.80 17.67 -15.92
C GLY A 70 7.52 16.88 -17.00
N PHE A 71 6.77 16.05 -17.72
CA PHE A 71 7.30 15.27 -18.82
C PHE A 71 7.71 16.18 -19.98
N LEU A 72 7.00 17.29 -20.12
CA LEU A 72 7.31 18.29 -21.15
C LEU A 72 8.68 18.91 -20.90
N THR A 73 8.87 19.46 -19.71
CA THR A 73 10.14 20.12 -19.41
C THR A 73 11.30 19.13 -19.41
N LEU A 74 11.04 17.92 -18.92
CA LEU A 74 12.09 16.90 -18.84
C LEU A 74 12.62 16.55 -20.23
N THR A 75 11.72 16.42 -21.19
CA THR A 75 12.09 15.95 -22.52
C THR A 75 12.36 17.07 -23.50
N GLY A 76 11.84 18.26 -23.21
CA GLY A 76 12.07 19.43 -24.03
C GLY A 76 11.12 19.55 -25.21
N TYR A 77 10.26 18.55 -25.37
CA TYR A 77 9.28 18.55 -26.44
C TYR A 77 8.01 19.28 -26.04
N SER A 78 7.30 19.80 -27.04
CA SER A 78 6.01 20.43 -26.81
C SER A 78 4.89 19.40 -27.01
N LEU A 79 3.70 19.74 -26.53
CA LEU A 79 2.57 18.83 -26.57
C LEU A 79 2.27 18.34 -27.98
N ASP A 80 2.49 19.21 -28.96
CA ASP A 80 2.21 18.88 -30.35
C ASP A 80 3.26 17.91 -30.90
N GLN A 81 4.42 17.90 -30.26
CA GLN A 81 5.53 17.08 -30.69
C GLN A 81 5.50 15.72 -29.99
N ILE A 82 4.55 15.56 -29.09
CA ILE A 82 4.49 14.38 -28.24
C ILE A 82 3.24 13.53 -28.50
N LEU A 83 2.08 14.13 -28.29
CA LEU A 83 0.82 13.42 -28.47
C LEU A 83 0.74 12.69 -29.81
N GLY A 84 0.21 11.47 -29.78
CA GLY A 84 0.06 10.67 -30.99
C GLY A 84 1.25 9.81 -31.31
N ARG A 85 2.32 9.99 -30.54
CA ARG A 85 3.56 9.26 -30.77
C ARG A 85 3.76 8.15 -29.74
N ASN A 86 4.52 7.12 -30.13
CA ASN A 86 4.96 6.12 -29.18
C ASN A 86 6.11 6.66 -28.35
N CYS A 87 6.19 6.25 -27.09
CA CYS A 87 7.18 6.81 -26.18
C CYS A 87 8.63 6.51 -26.59
N ARG A 88 8.80 5.58 -27.54
CA ARG A 88 10.14 5.17 -27.96
C ARG A 88 10.96 6.31 -28.58
N PHE A 89 10.27 7.40 -28.94
CA PHE A 89 10.95 8.51 -29.61
C PHE A 89 11.97 9.18 -28.70
N LEU A 90 11.89 8.90 -27.41
CA LEU A 90 12.84 9.42 -26.45
C LEU A 90 14.18 8.68 -26.50
N GLN A 91 14.22 7.60 -27.28
CA GLN A 91 15.42 6.77 -27.35
C GLN A 91 16.36 7.21 -28.48
N GLY A 92 17.61 6.75 -28.41
CA GLY A 92 18.62 7.12 -29.39
C GLY A 92 19.71 6.09 -29.55
N PRO A 93 20.76 6.44 -30.30
CA PRO A 93 21.88 5.55 -30.67
C PRO A 93 22.46 4.76 -29.49
N GLU A 94 22.67 5.41 -28.35
CA GLU A 94 23.30 4.75 -27.20
C GLU A 94 22.33 3.93 -26.33
N THR A 95 21.03 4.13 -26.52
CA THR A 95 20.03 3.44 -25.70
C THR A 95 20.23 1.92 -25.73
N ASP A 96 20.32 1.31 -24.55
CA ASP A 96 20.55 -0.13 -24.44
C ASP A 96 19.37 -0.92 -25.02
N PRO A 97 19.61 -1.62 -26.13
CA PRO A 97 18.55 -2.36 -26.81
C PRO A 97 18.00 -3.48 -25.95
N ARG A 98 18.80 -3.92 -24.99
CA ARG A 98 18.37 -4.96 -24.06
C ARG A 98 17.33 -4.42 -23.09
N ALA A 99 17.63 -3.28 -22.49
CA ALA A 99 16.68 -2.63 -21.60
C ALA A 99 15.35 -2.42 -22.32
N VAL A 100 15.43 -1.97 -23.56
CA VAL A 100 14.23 -1.74 -24.36
C VAL A 100 13.45 -3.05 -24.55
N ASP A 101 14.18 -4.13 -24.80
CA ASP A 101 13.54 -5.43 -24.96
C ASP A 101 12.77 -5.79 -23.71
N LYS A 102 13.31 -5.43 -22.55
CA LYS A 102 12.70 -5.77 -21.27
C LYS A 102 11.30 -5.17 -21.15
N ILE A 103 11.19 -3.86 -21.40
CA ILE A 103 9.89 -3.21 -21.34
C ILE A 103 8.93 -3.76 -22.38
N ARG A 104 9.40 -3.88 -23.61
CA ARG A 104 8.55 -4.37 -24.68
C ARG A 104 7.89 -5.69 -24.26
N ASN A 105 8.70 -6.60 -23.73
CA ASN A 105 8.20 -7.88 -23.24
C ASN A 105 7.18 -7.71 -22.11
N ALA A 106 7.59 -7.01 -21.05
CA ALA A 106 6.73 -6.76 -19.91
C ALA A 106 5.43 -6.07 -20.34
N ILE A 107 5.51 -5.29 -21.41
CA ILE A 107 4.35 -4.56 -21.90
C ILE A 107 3.35 -5.47 -22.61
N THR A 108 3.86 -6.38 -23.44
CA THR A 108 2.99 -7.31 -24.16
C THR A 108 2.40 -8.36 -23.22
N LYS A 109 3.06 -8.56 -22.08
CA LYS A 109 2.59 -9.54 -21.11
C LYS A 109 1.80 -8.88 -19.98
N GLY A 110 1.56 -7.57 -20.14
CA GLY A 110 0.75 -6.83 -19.18
C GLY A 110 1.24 -6.87 -17.75
N VAL A 111 2.54 -7.02 -17.56
CA VAL A 111 3.11 -7.00 -16.22
C VAL A 111 3.81 -5.67 -15.94
N ASP A 112 3.51 -5.08 -14.79
CA ASP A 112 4.11 -3.81 -14.38
C ASP A 112 5.61 -3.97 -14.15
N THR A 113 6.39 -3.06 -14.73
CA THR A 113 7.83 -3.01 -14.45
C THR A 113 8.37 -1.60 -14.59
N SER A 114 9.56 -1.39 -14.04
CA SER A 114 10.26 -0.13 -14.21
C SER A 114 11.62 -0.43 -14.81
N VAL A 115 12.09 0.48 -15.68
CA VAL A 115 13.37 0.32 -16.33
C VAL A 115 14.17 1.60 -16.21
N CYS A 116 15.49 1.46 -16.25
CA CYS A 116 16.38 2.61 -16.31
C CYS A 116 17.19 2.53 -17.60
N LEU A 117 16.85 3.38 -18.55
CA LEU A 117 17.58 3.43 -19.82
C LEU A 117 17.92 4.86 -20.19
N LEU A 118 18.76 5.02 -21.22
CA LEU A 118 19.23 6.33 -21.64
C LEU A 118 18.25 6.92 -22.64
N ASN A 119 17.76 8.12 -22.34
CA ASN A 119 16.88 8.83 -23.26
C ASN A 119 17.52 10.12 -23.78
N TYR A 120 16.92 10.68 -24.82
CA TYR A 120 17.45 11.86 -25.47
C TYR A 120 16.40 12.97 -25.45
N ARG A 121 16.80 14.17 -25.07
CA ARG A 121 15.90 15.31 -25.10
C ARG A 121 15.76 15.84 -26.53
N GLN A 122 14.83 16.75 -26.73
CA GLN A 122 14.59 17.33 -28.04
C GLN A 122 15.84 18.00 -28.61
N ASP A 123 16.72 18.47 -27.72
CA ASP A 123 17.95 19.13 -28.14
C ASP A 123 19.09 18.13 -28.34
N GLY A 124 18.84 16.87 -28.02
CA GLY A 124 19.83 15.82 -28.24
C GLY A 124 20.81 15.62 -27.11
N THR A 125 20.54 16.24 -25.96
CA THR A 125 21.32 15.95 -24.76
C THR A 125 20.72 14.72 -24.09
N THR A 126 21.55 13.99 -23.34
CA THR A 126 21.12 12.72 -22.80
C THR A 126 20.94 12.71 -21.28
N PHE A 127 20.01 11.88 -20.81
CA PHE A 127 19.84 11.66 -19.38
C PHE A 127 19.43 10.22 -19.15
N TRP A 128 19.69 9.72 -17.95
CA TRP A 128 19.24 8.38 -17.60
C TRP A 128 17.82 8.43 -17.02
N ASN A 129 16.91 7.73 -17.69
CA ASN A 129 15.51 7.75 -17.31
C ASN A 129 15.11 6.48 -16.60
N LEU A 130 14.71 6.61 -15.33
CA LEU A 130 14.12 5.49 -14.60
C LEU A 130 12.60 5.63 -14.61
N PHE A 131 11.95 4.89 -15.50
CA PHE A 131 10.51 5.00 -15.63
C PHE A 131 9.79 3.69 -15.33
N PHE A 132 8.54 3.84 -14.91
CA PHE A 132 7.71 2.73 -14.49
C PHE A 132 6.44 2.75 -15.34
N VAL A 133 6.06 1.59 -15.85
CA VAL A 133 4.85 1.50 -16.66
C VAL A 133 3.87 0.47 -16.08
N ALA A 134 2.59 0.84 -16.04
CA ALA A 134 1.55 -0.05 -15.56
C ALA A 134 0.34 -0.05 -16.47
N GLY A 135 -0.13 -1.23 -16.82
CA GLY A 135 -1.31 -1.39 -17.66
C GLY A 135 -2.61 -1.27 -16.89
N LEU A 136 -3.62 -0.67 -17.52
CA LEU A 136 -4.94 -0.52 -16.92
C LEU A 136 -5.96 -1.35 -17.70
N ARG A 137 -6.70 -2.20 -16.99
CA ARG A 137 -7.60 -3.15 -17.65
C ARG A 137 -9.06 -2.79 -17.50
N ASP A 138 -9.85 -3.17 -18.49
CA ASP A 138 -11.29 -2.97 -18.45
C ASP A 138 -11.96 -4.07 -17.66
N SER A 139 -13.29 -4.09 -17.68
CA SER A 139 -14.07 -5.08 -16.95
C SER A 139 -13.78 -6.49 -17.44
N LYS A 140 -13.34 -6.60 -18.69
CA LYS A 140 -13.09 -7.90 -19.30
C LYS A 140 -11.63 -8.33 -19.15
N GLY A 141 -10.82 -7.50 -18.51
CA GLY A 141 -9.44 -7.83 -18.23
C GLY A 141 -8.46 -7.38 -19.29
N ASN A 142 -8.98 -6.70 -20.31
CA ASN A 142 -8.15 -6.23 -21.41
C ASN A 142 -7.46 -4.90 -21.11
N ILE A 143 -6.17 -4.83 -21.36
CA ILE A 143 -5.41 -3.60 -21.14
C ILE A 143 -5.82 -2.54 -22.15
N VAL A 144 -6.37 -1.44 -21.66
CA VAL A 144 -6.97 -0.43 -22.51
C VAL A 144 -6.18 0.88 -22.44
N ASN A 145 -5.37 1.00 -21.40
CA ASN A 145 -4.52 2.17 -21.18
C ASN A 145 -3.24 1.79 -20.46
N TYR A 146 -2.18 2.54 -20.70
CA TYR A 146 -0.95 2.41 -19.94
C TYR A 146 -0.62 3.73 -19.26
N VAL A 147 -0.06 3.65 -18.06
CA VAL A 147 0.45 4.83 -17.41
C VAL A 147 1.95 4.69 -17.22
N GLY A 148 2.70 5.70 -17.66
CA GLY A 148 4.15 5.70 -17.48
C GLY A 148 4.57 6.82 -16.54
N VAL A 149 5.57 6.53 -15.72
CA VAL A 149 6.12 7.53 -14.80
C VAL A 149 7.63 7.64 -14.97
N GLN A 150 8.06 8.76 -15.53
CA GLN A 150 9.46 8.96 -15.87
C GLN A 150 10.20 9.83 -14.87
N SER A 151 11.49 9.57 -14.69
CA SER A 151 12.32 10.40 -13.82
C SER A 151 13.80 10.38 -14.23
N LYS A 152 14.40 11.56 -14.25
CA LYS A 152 15.83 11.67 -14.50
C LYS A 152 16.56 11.25 -13.23
N VAL A 153 17.57 10.40 -13.39
CA VAL A 153 18.35 9.95 -12.24
C VAL A 153 19.82 10.34 -12.39
N SER A 154 20.45 10.64 -11.27
CA SER A 154 21.87 10.97 -11.26
C SER A 154 22.70 9.84 -11.84
N GLU A 155 23.92 10.17 -12.24
CA GLU A 155 24.83 9.22 -12.85
C GLU A 155 25.13 8.05 -11.92
N ASP A 156 25.39 8.36 -10.66
CA ASP A 156 25.76 7.35 -9.68
C ASP A 156 24.60 6.42 -9.37
N TYR A 157 23.39 6.97 -9.37
CA TYR A 157 22.19 6.19 -9.11
C TYR A 157 21.91 5.25 -10.27
N ALA A 158 22.10 5.74 -11.48
CA ALA A 158 21.89 4.94 -12.70
C ALA A 158 22.79 3.71 -12.70
N LYS A 159 24.07 3.92 -12.41
CA LYS A 159 25.04 2.82 -12.35
C LYS A 159 24.52 1.71 -11.46
N LEU A 160 23.87 2.10 -10.37
CA LEU A 160 23.30 1.15 -9.42
C LEU A 160 22.13 0.38 -10.03
N LEU A 161 21.14 1.13 -10.50
CA LEU A 161 19.96 0.54 -11.13
C LEU A 161 20.31 -0.39 -12.29
N VAL A 162 21.39 -0.08 -12.99
CA VAL A 162 21.77 -0.85 -14.17
C VAL A 162 22.48 -2.15 -13.78
N ASN A 163 23.29 -2.10 -12.74
CA ASN A 163 23.95 -3.30 -12.25
C ASN A 163 22.92 -4.30 -11.74
N GLU A 164 21.90 -3.79 -11.07
CA GLU A 164 20.79 -4.61 -10.62
C GLU A 164 20.04 -5.19 -11.80
N GLN A 165 19.78 -4.34 -12.80
CA GLN A 165 19.06 -4.77 -14.00
C GLN A 165 19.79 -5.89 -14.73
N ASN A 166 21.12 -5.82 -14.75
CA ASN A 166 21.93 -6.78 -15.50
C ASN A 166 22.00 -8.16 -14.86
N ILE A 167 21.54 -8.25 -13.61
CA ILE A 167 21.62 -9.50 -12.86
C ILE A 167 20.81 -10.64 -13.49
N GLU A 168 19.66 -10.30 -14.07
CA GLU A 168 18.77 -11.33 -14.62
C GLU A 168 19.33 -12.01 -15.87
N TYR A 169 20.52 -11.60 -16.30
CA TYR A 169 21.08 -12.12 -17.54
C TYR A 169 22.29 -13.03 -17.29
N SER B 40 -12.05 -5.03 3.46
CA SER B 40 -11.80 -5.48 2.08
C SER B 40 -13.03 -5.33 1.20
N LEU B 41 -13.56 -4.10 1.12
CA LEU B 41 -14.77 -3.84 0.34
C LEU B 41 -14.68 -2.55 -0.49
N VAL B 42 -14.73 -1.41 0.19
CA VAL B 42 -14.77 -0.11 -0.48
C VAL B 42 -13.68 0.01 -1.55
N LYS B 43 -12.49 -0.48 -1.24
CA LYS B 43 -11.38 -0.47 -2.18
C LYS B 43 -11.41 -1.69 -3.10
N ALA B 44 -11.82 -2.83 -2.56
CA ALA B 44 -11.79 -4.09 -3.29
C ALA B 44 -12.68 -4.08 -4.53
N LEU B 45 -13.88 -3.54 -4.38
CA LEU B 45 -14.84 -3.49 -5.49
C LEU B 45 -14.51 -2.33 -6.42
N GLN B 46 -14.35 -1.14 -5.82
CA GLN B 46 -14.07 0.08 -6.56
C GLN B 46 -12.91 -0.08 -7.55
N MET B 47 -12.08 -1.09 -7.32
CA MET B 47 -10.83 -1.28 -8.07
C MET B 47 -10.90 -1.15 -9.59
N ALA B 48 -12.08 -1.28 -10.18
CA ALA B 48 -12.23 -1.11 -11.63
C ALA B 48 -11.81 0.31 -12.04
N GLN B 49 -10.72 0.41 -12.79
CA GLN B 49 -10.08 1.71 -13.04
C GLN B 49 -10.17 2.24 -14.47
N GLN B 50 -10.85 1.51 -15.36
CA GLN B 50 -10.95 1.96 -16.75
C GLN B 50 -11.74 3.25 -16.90
N ASN B 51 -12.39 3.67 -15.83
CA ASN B 51 -13.14 4.92 -15.82
C ASN B 51 -12.42 6.00 -15.03
N PHE B 52 -11.60 6.80 -15.71
CA PHE B 52 -10.84 7.84 -15.04
C PHE B 52 -10.70 9.09 -15.87
N VAL B 53 -10.60 10.24 -15.19
CA VAL B 53 -10.31 11.50 -15.85
C VAL B 53 -9.07 12.14 -15.25
N ILE B 54 -8.52 13.12 -15.97
CA ILE B 54 -7.46 13.95 -15.43
C ILE B 54 -7.87 15.39 -15.64
N THR B 55 -7.68 16.21 -14.61
CA THR B 55 -8.03 17.62 -14.68
C THR B 55 -6.82 18.52 -14.45
N ASP B 56 -6.87 19.73 -15.01
CA ASP B 56 -5.80 20.70 -14.84
C ASP B 56 -6.23 21.77 -13.85
N ALA B 57 -5.69 21.70 -12.63
CA ALA B 57 -6.02 22.65 -11.58
C ALA B 57 -5.49 24.04 -11.89
N SER B 58 -4.47 24.13 -12.74
CA SER B 58 -3.89 25.42 -13.11
C SER B 58 -4.83 26.26 -13.96
N LEU B 59 -5.86 25.63 -14.51
CA LEU B 59 -6.90 26.36 -15.23
C LEU B 59 -8.10 26.59 -14.30
N PRO B 60 -8.66 27.81 -14.34
CA PRO B 60 -9.67 28.31 -13.40
C PRO B 60 -10.65 27.29 -12.81
N ASP B 61 -11.51 26.68 -13.62
CA ASP B 61 -12.53 25.80 -13.05
C ASP B 61 -12.11 24.33 -13.06
N ASN B 62 -10.84 24.08 -12.72
CA ASN B 62 -10.28 22.73 -12.70
C ASN B 62 -10.88 21.79 -13.75
N PRO B 63 -10.82 22.19 -15.03
CA PRO B 63 -11.49 21.50 -16.13
C PRO B 63 -10.88 20.14 -16.48
N ILE B 64 -11.70 19.28 -17.08
CA ILE B 64 -11.26 17.96 -17.51
C ILE B 64 -10.37 18.06 -18.74
N VAL B 65 -9.14 17.58 -18.61
CA VAL B 65 -8.21 17.60 -19.74
C VAL B 65 -8.03 16.24 -20.39
N TYR B 66 -8.28 15.19 -19.63
CA TYR B 66 -8.29 13.85 -20.23
C TYR B 66 -9.41 12.97 -19.66
N ALA B 67 -10.02 12.17 -20.53
CA ALA B 67 -11.04 11.21 -20.12
C ALA B 67 -10.87 9.91 -20.87
N SER B 68 -10.76 8.81 -20.13
CA SER B 68 -10.63 7.50 -20.74
C SER B 68 -11.91 7.12 -21.47
N ARG B 69 -11.78 6.28 -22.49
CA ARG B 69 -12.94 5.85 -23.26
C ARG B 69 -13.99 5.21 -22.37
N GLY B 70 -13.52 4.55 -21.31
CA GLY B 70 -14.41 3.96 -20.32
C GLY B 70 -15.28 5.02 -19.67
N PHE B 71 -14.71 6.18 -19.41
CA PHE B 71 -15.46 7.30 -18.88
C PHE B 71 -16.54 7.72 -19.87
N LEU B 72 -16.18 7.74 -21.15
CA LEU B 72 -17.14 8.05 -22.20
C LEU B 72 -18.26 7.02 -22.18
N THR B 73 -17.88 5.75 -22.21
CA THR B 73 -18.82 4.65 -22.16
C THR B 73 -19.80 4.80 -20.99
N LEU B 74 -19.26 5.06 -19.81
CA LEU B 74 -20.06 5.21 -18.60
C LEU B 74 -21.01 6.41 -18.67
N THR B 75 -20.47 7.56 -19.08
CA THR B 75 -21.23 8.81 -19.02
C THR B 75 -22.06 9.06 -20.29
N GLY B 76 -21.63 8.49 -21.40
CA GLY B 76 -22.36 8.60 -22.65
C GLY B 76 -22.00 9.82 -23.47
N TYR B 77 -20.99 10.56 -23.04
CA TYR B 77 -20.58 11.78 -23.74
C TYR B 77 -19.40 11.55 -24.68
N SER B 78 -19.36 12.36 -25.73
CA SER B 78 -18.21 12.39 -26.63
C SER B 78 -17.06 13.15 -25.98
N LEU B 79 -15.85 12.92 -26.47
CA LEU B 79 -14.67 13.56 -25.90
C LEU B 79 -14.83 15.07 -25.95
N ASP B 80 -15.43 15.56 -27.03
CA ASP B 80 -15.56 16.99 -27.26
C ASP B 80 -16.52 17.68 -26.30
N GLN B 81 -17.54 16.95 -25.85
CA GLN B 81 -18.51 17.51 -24.93
C GLN B 81 -18.13 17.28 -23.47
N ILE B 82 -16.88 16.86 -23.26
CA ILE B 82 -16.36 16.64 -21.91
C ILE B 82 -15.17 17.56 -21.64
N LEU B 83 -14.17 17.49 -22.51
CA LEU B 83 -12.94 18.26 -22.33
C LEU B 83 -13.24 19.75 -22.18
N GLY B 84 -12.59 20.37 -21.19
CA GLY B 84 -12.76 21.79 -20.95
C GLY B 84 -13.82 22.09 -19.90
N ARG B 85 -14.52 21.06 -19.45
CA ARG B 85 -15.60 21.23 -18.50
C ARG B 85 -15.24 20.65 -17.15
N ASN B 86 -15.72 21.30 -16.09
CA ASN B 86 -15.60 20.74 -14.75
C ASN B 86 -16.51 19.52 -14.65
N CYS B 87 -16.03 18.50 -13.94
CA CYS B 87 -16.72 17.21 -13.91
C CYS B 87 -18.13 17.32 -13.33
N ARG B 88 -18.45 18.48 -12.75
CA ARG B 88 -19.75 18.70 -12.12
C ARG B 88 -20.94 18.59 -13.07
N PHE B 89 -20.68 18.57 -14.38
CA PHE B 89 -21.77 18.57 -15.36
C PHE B 89 -22.54 17.25 -15.34
N LEU B 90 -21.96 16.24 -14.71
CA LEU B 90 -22.61 14.93 -14.60
C LEU B 90 -23.74 14.97 -13.57
N GLN B 91 -23.72 15.96 -12.70
CA GLN B 91 -24.72 16.08 -11.63
C GLN B 91 -26.06 16.59 -12.17
N GLY B 92 -27.07 16.55 -11.31
CA GLY B 92 -28.41 16.97 -11.70
C GLY B 92 -29.33 17.21 -10.52
N PRO B 93 -30.59 17.57 -10.81
CA PRO B 93 -31.63 17.91 -9.84
C PRO B 93 -31.57 17.08 -8.56
N GLU B 94 -31.57 15.76 -8.69
CA GLU B 94 -31.62 14.89 -7.52
C GLU B 94 -30.26 14.60 -6.88
N THR B 95 -29.23 15.25 -7.39
CA THR B 95 -27.90 15.11 -6.80
C THR B 95 -27.85 15.77 -5.42
N ASP B 96 -27.28 15.07 -4.45
CA ASP B 96 -27.21 15.58 -3.09
C ASP B 96 -26.19 16.70 -2.97
N PRO B 97 -26.65 17.92 -2.65
CA PRO B 97 -25.80 19.10 -2.51
C PRO B 97 -24.80 19.00 -1.36
N ARG B 98 -25.21 18.39 -0.25
CA ARG B 98 -24.32 18.26 0.90
C ARG B 98 -23.17 17.29 0.61
N ALA B 99 -23.38 16.39 -0.34
CA ALA B 99 -22.35 15.46 -0.77
C ALA B 99 -21.34 16.18 -1.66
N VAL B 100 -21.88 16.99 -2.56
CA VAL B 100 -21.06 17.81 -3.45
C VAL B 100 -20.16 18.74 -2.64
N ASP B 101 -20.70 19.28 -1.56
CA ASP B 101 -19.94 20.19 -0.71
C ASP B 101 -18.75 19.51 -0.05
N LYS B 102 -18.90 18.22 0.27
CA LYS B 102 -17.84 17.49 0.96
C LYS B 102 -16.58 17.30 0.10
N ILE B 103 -16.76 16.93 -1.16
CA ILE B 103 -15.61 16.78 -2.04
C ILE B 103 -15.05 18.12 -2.49
N ARG B 104 -15.93 19.09 -2.72
CA ARG B 104 -15.47 20.42 -3.10
C ARG B 104 -14.43 20.85 -2.08
N ASN B 105 -14.74 20.66 -0.82
CA ASN B 105 -13.82 21.02 0.26
C ASN B 105 -12.57 20.15 0.26
N ALA B 106 -12.75 18.86 0.01
CA ALA B 106 -11.63 17.92 -0.01
C ALA B 106 -10.61 18.32 -1.07
N ILE B 107 -11.14 18.74 -2.23
CA ILE B 107 -10.31 19.09 -3.37
C ILE B 107 -9.51 20.37 -3.12
N THR B 108 -10.19 21.41 -2.63
CA THR B 108 -9.53 22.69 -2.38
C THR B 108 -8.52 22.56 -1.25
N LYS B 109 -8.78 21.64 -0.32
CA LYS B 109 -7.84 21.39 0.76
C LYS B 109 -6.80 20.35 0.40
N GLY B 110 -6.96 19.76 -0.79
CA GLY B 110 -5.96 18.86 -1.33
C GLY B 110 -5.91 17.48 -0.70
N VAL B 111 -6.95 17.14 0.07
CA VAL B 111 -7.04 15.82 0.70
C VAL B 111 -7.75 14.81 -0.20
N ASP B 112 -7.19 13.62 -0.31
CA ASP B 112 -7.77 12.56 -1.15
C ASP B 112 -8.98 11.93 -0.48
N THR B 113 -10.08 11.85 -1.21
CA THR B 113 -11.30 11.23 -0.71
C THR B 113 -12.11 10.60 -1.82
N SER B 114 -13.09 9.80 -1.43
CA SER B 114 -14.04 9.22 -2.36
C SER B 114 -15.45 9.61 -1.93
N VAL B 115 -16.40 9.51 -2.85
CA VAL B 115 -17.75 9.91 -2.55
C VAL B 115 -18.72 9.20 -3.50
N CYS B 116 -19.88 8.84 -2.98
CA CYS B 116 -20.91 8.24 -3.81
C CYS B 116 -22.07 9.20 -3.95
N LEU B 117 -22.31 9.65 -5.17
CA LEU B 117 -23.44 10.55 -5.42
C LEU B 117 -24.16 10.23 -6.73
N LEU B 118 -25.32 10.86 -6.92
CA LEU B 118 -26.14 10.58 -8.08
C LEU B 118 -25.65 11.34 -9.31
N ASN B 119 -25.34 10.61 -10.38
CA ASN B 119 -24.93 11.24 -11.63
C ASN B 119 -25.89 10.95 -12.78
N TYR B 120 -25.81 11.75 -13.83
CA TYR B 120 -26.69 11.63 -14.98
C TYR B 120 -25.89 11.37 -16.24
N ARG B 121 -26.39 10.46 -17.08
CA ARG B 121 -25.73 10.18 -18.35
C ARG B 121 -26.16 11.17 -19.42
N GLN B 122 -25.54 11.06 -20.59
CA GLN B 122 -25.89 11.87 -21.74
C GLN B 122 -27.40 11.94 -21.95
N ASP B 123 -28.06 10.79 -21.88
CA ASP B 123 -29.48 10.70 -22.24
C ASP B 123 -30.45 11.14 -21.13
N GLY B 124 -29.96 11.27 -19.92
CA GLY B 124 -30.79 11.73 -18.81
C GLY B 124 -31.05 10.67 -17.76
N THR B 125 -30.58 9.45 -18.02
CA THR B 125 -30.69 8.37 -17.03
C THR B 125 -29.71 8.63 -15.90
N THR B 126 -29.95 7.98 -14.77
CA THR B 126 -29.10 8.19 -13.60
C THR B 126 -28.45 6.91 -13.11
N PHE B 127 -27.21 7.03 -12.66
CA PHE B 127 -26.51 5.93 -12.01
C PHE B 127 -25.87 6.44 -10.73
N TRP B 128 -25.55 5.54 -9.82
CA TRP B 128 -24.84 5.93 -8.61
C TRP B 128 -23.34 5.88 -8.85
N ASN B 129 -22.68 7.00 -8.63
CA ASN B 129 -21.26 7.11 -8.91
C ASN B 129 -20.41 7.16 -7.67
N LEU B 130 -19.67 6.08 -7.42
CA LEU B 130 -18.65 6.07 -6.41
C LEU B 130 -17.35 6.44 -7.10
N PHE B 131 -16.85 7.64 -6.85
CA PHE B 131 -15.58 8.04 -7.45
C PHE B 131 -14.56 8.54 -6.44
N PHE B 132 -13.30 8.35 -6.78
CA PHE B 132 -12.19 8.74 -5.91
C PHE B 132 -11.37 9.86 -6.57
N VAL B 133 -11.18 10.95 -5.84
CA VAL B 133 -10.42 12.08 -6.34
C VAL B 133 -9.11 12.28 -5.57
N ALA B 134 -8.00 12.31 -6.29
CA ALA B 134 -6.69 12.47 -5.65
C ALA B 134 -5.83 13.51 -6.36
N GLY B 135 -5.26 14.43 -5.57
CA GLY B 135 -4.42 15.48 -6.12
C GLY B 135 -3.01 15.00 -6.40
N LEU B 136 -2.53 15.29 -7.60
CA LEU B 136 -1.18 14.90 -8.01
C LEU B 136 -0.17 16.01 -7.73
N ARG B 137 0.56 15.85 -6.64
CA ARG B 137 1.50 16.88 -6.18
C ARG B 137 2.87 16.76 -6.82
N ASP B 138 3.42 17.89 -7.24
CA ASP B 138 4.76 17.94 -7.82
C ASP B 138 5.81 17.62 -6.75
N SER B 139 7.08 17.70 -7.13
CA SER B 139 8.17 17.41 -6.21
C SER B 139 8.14 18.30 -4.97
N LYS B 140 7.49 19.46 -5.08
CA LYS B 140 7.43 20.41 -3.97
C LYS B 140 6.08 20.43 -3.24
N GLY B 141 5.16 19.57 -3.67
CA GLY B 141 3.89 19.43 -2.98
C GLY B 141 2.74 20.28 -3.50
N ASN B 142 2.88 20.81 -4.70
CA ASN B 142 1.80 21.59 -5.30
C ASN B 142 0.94 20.73 -6.20
N ILE B 143 -0.36 20.99 -6.20
CA ILE B 143 -1.28 20.23 -7.04
C ILE B 143 -1.51 20.96 -8.35
N VAL B 144 -1.12 20.35 -9.46
CA VAL B 144 -1.41 20.89 -10.77
C VAL B 144 -2.37 20.00 -11.56
N ASN B 145 -2.39 18.71 -11.22
CA ASN B 145 -3.36 17.79 -11.81
C ASN B 145 -4.13 17.04 -10.74
N TYR B 146 -5.30 16.54 -11.11
CA TYR B 146 -6.11 15.69 -10.25
C TYR B 146 -6.51 14.43 -11.00
N VAL B 147 -6.53 13.30 -10.30
CA VAL B 147 -7.06 12.07 -10.87
C VAL B 147 -8.44 11.78 -10.32
N GLY B 148 -9.36 11.43 -11.22
CA GLY B 148 -10.68 10.98 -10.81
C GLY B 148 -10.94 9.60 -11.36
N VAL B 149 -11.38 8.69 -10.49
CA VAL B 149 -11.75 7.35 -10.93
C VAL B 149 -13.21 7.12 -10.60
N GLN B 150 -14.02 6.86 -11.63
CA GLN B 150 -15.45 6.71 -11.46
C GLN B 150 -15.91 5.25 -11.50
N SER B 151 -16.99 4.96 -10.78
CA SER B 151 -17.54 3.60 -10.75
C SER B 151 -19.06 3.62 -10.58
N LYS B 152 -19.76 2.90 -11.45
CA LYS B 152 -21.19 2.67 -11.25
C LYS B 152 -21.34 1.61 -10.17
N VAL B 153 -22.07 1.92 -9.12
CA VAL B 153 -22.32 0.95 -8.06
C VAL B 153 -23.79 0.58 -7.96
N SER B 154 -24.05 -0.60 -7.44
CA SER B 154 -25.41 -1.11 -7.28
C SER B 154 -26.22 -0.26 -6.31
N GLU B 155 -27.54 -0.42 -6.38
CA GLU B 155 -28.45 0.33 -5.51
C GLU B 155 -28.16 0.08 -4.04
N ASP B 156 -28.10 -1.20 -3.65
CA ASP B 156 -27.96 -1.56 -2.26
C ASP B 156 -26.59 -1.20 -1.69
N TYR B 157 -25.59 -1.12 -2.56
CA TYR B 157 -24.25 -0.71 -2.14
C TYR B 157 -24.20 0.80 -1.96
N ALA B 158 -24.90 1.51 -2.85
CA ALA B 158 -25.01 2.95 -2.77
C ALA B 158 -25.67 3.37 -1.45
N LYS B 159 -26.76 2.70 -1.10
CA LYS B 159 -27.46 2.99 0.14
C LYS B 159 -26.52 2.86 1.33
N LEU B 160 -25.65 1.86 1.27
CA LEU B 160 -24.70 1.61 2.34
C LEU B 160 -23.67 2.73 2.38
N LEU B 161 -23.25 3.17 1.21
CA LEU B 161 -22.22 4.20 1.10
C LEU B 161 -22.76 5.58 1.45
N VAL B 162 -24.01 5.83 1.06
CA VAL B 162 -24.62 7.13 1.33
C VAL B 162 -24.88 7.31 2.83
N ASN B 163 -25.49 6.31 3.44
CA ASN B 163 -25.79 6.35 4.87
C ASN B 163 -24.56 6.63 5.72
N GLU B 164 -23.44 6.05 5.31
CA GLU B 164 -22.17 6.29 5.98
C GLU B 164 -21.79 7.76 5.88
N GLN B 165 -22.08 8.37 4.74
CA GLN B 165 -21.74 9.77 4.51
C GLN B 165 -22.63 10.69 5.34
N ASN B 166 -23.82 10.22 5.67
CA ASN B 166 -24.79 11.03 6.41
C ASN B 166 -24.40 11.28 7.86
N ILE B 167 -23.20 10.85 8.25
CA ILE B 167 -22.71 11.09 9.60
C ILE B 167 -21.80 12.31 9.64
N GLN C 49 13.12 4.78 12.95
CA GLN C 49 11.71 4.54 12.64
C GLN C 49 10.84 4.82 13.87
N GLN C 50 11.47 4.82 15.05
CA GLN C 50 10.77 5.11 16.28
C GLN C 50 11.32 6.38 16.95
N ASN C 51 11.98 7.22 16.15
CA ASN C 51 12.51 8.49 16.63
C ASN C 51 11.54 9.62 16.34
N PHE C 52 10.27 9.39 16.60
CA PHE C 52 9.22 10.31 16.19
C PHE C 52 9.15 11.59 17.03
N VAL C 53 8.41 12.56 16.51
CA VAL C 53 8.03 13.76 17.25
C VAL C 53 6.68 14.22 16.72
N ILE C 54 5.89 14.87 17.57
CA ILE C 54 4.62 15.43 17.13
C ILE C 54 4.54 16.93 17.42
N THR C 55 4.19 17.71 16.41
CA THR C 55 4.08 19.16 16.56
C THR C 55 2.63 19.59 16.69
N ASP C 56 2.43 20.82 17.15
CA ASP C 56 1.09 21.36 17.31
C ASP C 56 0.85 22.51 16.32
N ALA C 57 -0.09 22.31 15.40
CA ALA C 57 -0.40 23.32 14.41
C ALA C 57 -1.40 24.34 14.95
N SER C 58 -2.04 24.00 16.06
CA SER C 58 -3.01 24.90 16.70
C SER C 58 -2.34 26.20 17.12
N LEU C 59 -1.11 26.09 17.60
CA LEU C 59 -0.32 27.26 17.98
C LEU C 59 0.31 27.89 16.74
N PRO C 60 0.12 29.21 16.55
CA PRO C 60 0.84 29.90 15.48
C PRO C 60 2.33 29.69 15.69
N ASP C 61 2.71 29.45 16.94
CA ASP C 61 4.08 29.14 17.32
C ASP C 61 4.54 27.87 16.62
N ASN C 62 3.76 26.80 16.80
CA ASN C 62 4.09 25.48 16.24
C ASN C 62 5.40 24.90 16.74
N PRO C 63 5.52 24.69 18.06
CA PRO C 63 6.62 23.88 18.58
C PRO C 63 6.18 22.42 18.55
N ILE C 64 6.95 21.52 19.16
CA ILE C 64 6.52 20.14 19.27
C ILE C 64 5.86 19.90 20.63
N VAL C 65 4.81 19.08 20.65
CA VAL C 65 4.03 18.87 21.88
C VAL C 65 4.31 17.54 22.58
N TYR C 66 5.11 16.68 21.94
CA TYR C 66 5.58 15.45 22.58
C TYR C 66 6.58 14.71 21.69
N ALA C 67 7.58 14.11 22.32
CA ALA C 67 8.64 13.41 21.59
C ALA C 67 8.85 11.99 22.15
N SER C 68 9.32 11.10 21.28
CA SER C 68 9.59 9.72 21.68
C SER C 68 10.94 9.61 22.38
N ARG C 69 11.19 8.47 23.01
CA ARG C 69 12.48 8.21 23.64
C ARG C 69 13.58 8.12 22.60
N GLY C 70 13.28 7.45 21.49
CA GLY C 70 14.23 7.28 20.41
C GLY C 70 14.72 8.59 19.82
N PHE C 71 13.83 9.55 19.70
CA PHE C 71 14.18 10.87 19.18
C PHE C 71 15.17 11.57 20.12
N LEU C 72 15.04 11.29 21.41
CA LEU C 72 15.87 11.94 22.42
C LEU C 72 17.28 11.35 22.49
N THR C 73 17.36 10.04 22.66
CA THR C 73 18.64 9.36 22.88
C THR C 73 19.62 9.49 21.71
N LEU C 74 19.15 10.02 20.60
CA LEU C 74 20.00 10.13 19.41
C LEU C 74 20.53 11.55 19.21
N THR C 75 19.64 12.54 19.36
CA THR C 75 19.98 13.92 19.04
C THR C 75 20.91 14.59 20.06
N GLY C 76 21.15 13.92 21.18
CA GLY C 76 22.13 14.41 22.15
C GLY C 76 21.57 15.23 23.31
N TYR C 77 20.42 15.85 23.09
CA TYR C 77 19.79 16.67 24.12
C TYR C 77 19.12 15.81 25.18
N SER C 78 18.59 16.46 26.21
CA SER C 78 17.84 15.76 27.25
C SER C 78 16.34 15.99 27.03
N LEU C 79 15.52 15.37 27.87
CA LEU C 79 14.07 15.48 27.75
C LEU C 79 13.63 16.93 27.70
N ASP C 80 14.00 17.69 28.73
CA ASP C 80 13.54 19.07 28.85
C ASP C 80 14.34 20.09 28.02
N GLN C 81 15.50 19.66 27.51
CA GLN C 81 16.34 20.56 26.71
C GLN C 81 15.74 20.87 25.34
N ILE C 82 14.47 20.52 25.16
CA ILE C 82 13.76 20.79 23.92
C ILE C 82 12.46 21.53 24.21
N LEU C 83 12.21 21.81 25.48
CA LEU C 83 10.98 22.47 25.92
C LEU C 83 10.53 23.60 24.99
N GLY C 84 9.38 23.40 24.35
CA GLY C 84 8.77 24.41 23.51
C GLY C 84 9.56 24.76 22.26
N ARG C 85 10.49 23.89 21.87
CA ARG C 85 11.34 24.16 20.72
C ARG C 85 10.86 23.43 19.48
N ASN C 86 10.56 24.19 18.42
CA ASN C 86 10.21 23.61 17.13
C ASN C 86 11.41 22.87 16.58
N CYS C 87 11.16 21.89 15.71
CA CYS C 87 12.20 20.99 15.22
C CYS C 87 13.32 21.70 14.46
N ARG C 88 13.17 23.00 14.23
CA ARG C 88 14.10 23.76 13.39
C ARG C 88 15.50 23.96 13.99
N PHE C 89 15.59 23.94 15.32
CA PHE C 89 16.85 24.27 16.00
C PHE C 89 18.00 23.30 15.72
N LEU C 90 17.70 22.19 15.05
CA LEU C 90 18.69 21.14 14.84
C LEU C 90 19.73 21.47 13.78
N GLN C 91 19.43 22.47 12.95
CA GLN C 91 20.30 22.81 11.82
C GLN C 91 21.44 23.75 12.19
N GLY C 92 22.43 23.83 11.31
CA GLY C 92 23.60 24.68 11.55
C GLY C 92 24.32 25.08 10.28
N PRO C 93 25.57 25.53 10.43
CA PRO C 93 26.41 26.02 9.32
C PRO C 93 26.56 25.02 8.17
N GLU C 94 26.92 23.77 8.49
CA GLU C 94 27.17 22.75 7.47
C GLU C 94 25.90 22.26 6.79
N THR C 95 24.74 22.66 7.31
CA THR C 95 23.46 22.17 6.82
C THR C 95 23.17 22.56 5.38
N ASP C 96 22.51 21.68 4.64
CA ASP C 96 22.05 21.96 3.30
C ASP C 96 21.05 23.11 3.33
N PRO C 97 21.45 24.28 2.79
CA PRO C 97 20.59 25.47 2.80
C PRO C 97 19.42 25.33 1.83
N ARG C 98 19.52 24.35 0.94
CA ARG C 98 18.57 24.20 -0.16
C ARG C 98 17.43 23.24 0.19
N ALA C 99 17.78 22.06 0.69
CA ALA C 99 16.78 21.07 1.09
C ALA C 99 15.86 21.64 2.18
N VAL C 100 16.45 22.44 3.06
CA VAL C 100 15.71 23.10 4.13
C VAL C 100 14.44 23.78 3.62
N ASP C 101 14.54 24.39 2.45
CA ASP C 101 13.42 25.12 1.86
C ASP C 101 12.35 24.17 1.30
N LYS C 102 12.78 23.03 0.77
CA LYS C 102 11.88 22.07 0.14
C LYS C 102 10.77 21.58 1.07
N ILE C 103 11.14 21.15 2.26
CA ILE C 103 10.17 20.63 3.23
C ILE C 103 9.23 21.70 3.76
N ARG C 104 9.78 22.87 4.07
CA ARG C 104 9.00 23.95 4.66
C ARG C 104 7.77 24.27 3.80
N ASN C 105 7.90 24.06 2.50
CA ASN C 105 6.79 24.25 1.57
C ASN C 105 5.76 23.12 1.70
N ALA C 106 6.25 21.90 1.82
CA ALA C 106 5.39 20.73 2.00
C ALA C 106 4.58 20.83 3.29
N ILE C 107 5.21 21.34 4.34
CA ILE C 107 4.52 21.61 5.60
C ILE C 107 3.23 22.39 5.34
N THR C 108 3.39 23.52 4.67
CA THR C 108 2.29 24.45 4.45
C THR C 108 1.22 23.86 3.54
N LYS C 109 1.64 23.13 2.53
CA LYS C 109 0.72 22.55 1.56
C LYS C 109 0.02 21.32 2.14
N GLY C 110 0.47 20.88 3.30
CA GLY C 110 -0.12 19.73 3.96
C GLY C 110 0.19 18.42 3.28
N VAL C 111 1.32 18.37 2.59
CA VAL C 111 1.73 17.17 1.88
C VAL C 111 2.86 16.45 2.61
N ASP C 112 2.71 15.14 2.79
CA ASP C 112 3.71 14.35 3.49
C ASP C 112 4.91 14.09 2.59
N THR C 113 6.09 14.43 3.07
CA THR C 113 7.32 14.27 2.29
C THR C 113 8.48 13.74 3.11
N SER C 114 9.60 13.46 2.43
CA SER C 114 10.82 13.02 3.08
C SER C 114 12.00 13.86 2.59
N VAL C 115 12.99 14.03 3.45
CA VAL C 115 14.18 14.80 3.10
C VAL C 115 15.39 14.38 3.95
N CYS C 116 16.56 14.32 3.32
CA CYS C 116 17.80 14.00 4.02
C CYS C 116 18.74 15.21 4.03
N LEU C 117 19.03 15.72 5.21
CA LEU C 117 19.91 16.87 5.35
C LEU C 117 20.80 16.80 6.60
N LEU C 118 21.87 17.57 6.59
CA LEU C 118 22.87 17.52 7.65
C LEU C 118 22.37 18.17 8.95
N ASN C 119 22.00 17.32 9.91
CA ASN C 119 21.51 17.79 11.20
C ASN C 119 22.58 17.77 12.28
N TYR C 120 22.31 18.40 13.41
CA TYR C 120 23.28 18.52 14.50
C TYR C 120 22.79 17.90 15.81
N ARG C 121 23.71 17.29 16.53
CA ARG C 121 23.42 16.77 17.86
C ARG C 121 23.64 17.86 18.90
N GLN C 122 23.58 17.49 20.17
CA GLN C 122 23.86 18.42 21.25
C GLN C 122 25.36 18.60 21.45
N ASP C 123 26.09 17.49 21.39
CA ASP C 123 27.53 17.53 21.68
C ASP C 123 28.34 18.19 20.57
N GLY C 124 27.67 18.70 19.55
CA GLY C 124 28.34 19.51 18.54
C GLY C 124 28.55 18.87 17.18
N THR C 125 28.68 17.54 17.16
CA THR C 125 28.97 16.84 15.91
C THR C 125 27.76 16.78 14.98
N THR C 126 28.03 16.68 13.68
CA THR C 126 26.98 16.63 12.67
C THR C 126 26.74 15.19 12.22
N PHE C 127 25.55 14.93 11.68
CA PHE C 127 25.20 13.60 11.19
C PHE C 127 24.19 13.69 10.05
N TRP C 128 23.99 12.59 9.34
CA TRP C 128 23.04 12.56 8.23
C TRP C 128 21.66 12.08 8.68
N ASN C 129 20.66 12.93 8.47
CA ASN C 129 19.30 12.63 8.92
C ASN C 129 18.28 12.62 7.79
N LEU C 130 17.64 11.47 7.59
CA LEU C 130 16.55 11.34 6.63
C LEU C 130 15.23 11.27 7.39
N PHE C 131 14.44 12.33 7.34
CA PHE C 131 13.21 12.38 8.11
C PHE C 131 11.93 12.48 7.25
N PHE C 132 10.83 12.05 7.84
CA PHE C 132 9.54 11.96 7.14
C PHE C 132 8.49 12.71 7.95
N VAL C 133 7.89 13.73 7.35
CA VAL C 133 6.94 14.59 8.06
C VAL C 133 5.54 14.59 7.45
N ALA C 134 4.52 14.56 8.31
CA ALA C 134 3.14 14.49 7.86
C ALA C 134 2.22 15.33 8.75
N GLY C 135 0.98 15.50 8.31
CA GLY C 135 0.02 16.32 9.04
C GLY C 135 -1.34 15.65 9.22
N LEU C 136 -1.90 15.81 10.41
CA LEU C 136 -3.18 15.18 10.76
C LEU C 136 -4.33 16.16 10.57
N ARG C 137 -5.44 15.69 10.01
CA ARG C 137 -6.57 16.55 9.71
C ARG C 137 -7.82 16.21 10.52
N ASP C 138 -8.64 17.22 10.79
CA ASP C 138 -9.92 17.02 11.44
C ASP C 138 -10.99 16.67 10.41
N SER C 139 -12.26 16.81 10.78
CA SER C 139 -13.36 16.50 9.87
C SER C 139 -13.48 17.57 8.77
N LYS C 140 -13.09 18.80 9.09
CA LYS C 140 -13.15 19.90 8.14
C LYS C 140 -12.07 19.75 7.08
N GLY C 141 -11.07 18.92 7.38
CA GLY C 141 -9.94 18.75 6.48
C GLY C 141 -8.79 19.67 6.84
N ASN C 142 -8.96 20.39 7.94
CA ASN C 142 -7.92 21.30 8.42
C ASN C 142 -6.86 20.57 9.24
N ILE C 143 -5.60 20.95 9.05
CA ILE C 143 -4.51 20.33 9.80
C ILE C 143 -4.42 20.91 11.22
N VAL C 144 -4.47 20.02 12.20
CA VAL C 144 -4.43 20.42 13.61
C VAL C 144 -3.17 19.89 14.31
N ASN C 145 -2.55 18.90 13.70
CA ASN C 145 -1.29 18.34 14.21
C ASN C 145 -0.37 17.84 13.10
N TYR C 146 0.90 17.66 13.44
CA TYR C 146 1.86 17.06 12.51
C TYR C 146 2.65 15.95 13.20
N VAL C 147 3.35 15.14 12.41
CA VAL C 147 4.17 14.06 12.93
C VAL C 147 5.46 13.94 12.12
N GLY C 148 6.53 13.47 12.75
CA GLY C 148 7.82 13.34 12.09
C GLY C 148 8.60 12.11 12.50
N VAL C 149 9.21 11.45 11.53
CA VAL C 149 10.04 10.27 11.79
C VAL C 149 11.50 10.53 11.45
N GLN C 150 12.37 10.42 12.45
CA GLN C 150 13.79 10.68 12.27
C GLN C 150 14.62 9.40 12.18
N SER C 151 15.83 9.52 11.62
CA SER C 151 16.74 8.39 11.48
C SER C 151 18.09 8.82 10.91
N LYS C 152 19.18 8.29 11.47
CA LYS C 152 20.52 8.57 10.98
C LYS C 152 20.90 7.56 9.89
N VAL C 153 21.54 8.04 8.83
CA VAL C 153 21.91 7.19 7.71
C VAL C 153 23.39 7.32 7.37
N SER C 154 24.03 6.19 7.10
CA SER C 154 25.44 6.16 6.73
C SER C 154 25.70 7.08 5.53
N GLU C 155 26.80 7.80 5.58
CA GLU C 155 27.14 8.79 4.54
C GLU C 155 27.08 8.21 3.13
N ASP C 156 27.47 6.94 2.98
CA ASP C 156 27.50 6.30 1.67
C ASP C 156 26.09 6.18 1.09
N TYR C 157 25.10 6.13 1.97
CA TYR C 157 23.70 6.07 1.58
C TYR C 157 23.16 7.48 1.34
N ALA C 158 23.55 8.41 2.20
CA ALA C 158 23.12 9.80 2.09
C ALA C 158 23.74 10.46 0.86
N LYS C 159 24.90 9.96 0.43
CA LYS C 159 25.54 10.45 -0.78
C LYS C 159 24.65 10.21 -1.98
N LEU C 160 24.10 9.00 -2.06
CA LEU C 160 23.18 8.65 -3.14
C LEU C 160 21.90 9.47 -3.03
N LEU C 161 21.44 9.67 -1.80
CA LEU C 161 20.23 10.43 -1.53
C LEU C 161 20.39 11.91 -1.88
N VAL C 162 21.55 12.45 -1.57
CA VAL C 162 21.85 13.86 -1.86
C VAL C 162 21.86 14.11 -3.37
N ASN C 163 22.49 13.21 -4.12
CA ASN C 163 22.54 13.32 -5.57
C ASN C 163 21.16 13.54 -6.18
N GLU C 164 20.18 12.77 -5.71
CA GLU C 164 18.85 12.77 -6.30
C GLU C 164 18.09 14.08 -6.11
N GLN C 165 17.95 14.53 -4.86
CA GLN C 165 17.20 15.75 -4.59
C GLN C 165 17.90 16.99 -5.17
N ASN C 166 19.12 16.81 -5.64
CA ASN C 166 19.84 17.87 -6.34
C ASN C 166 19.37 18.02 -7.79
N ILE C 167 18.41 17.18 -8.18
CA ILE C 167 17.76 17.33 -9.47
C ILE C 167 16.62 18.33 -9.34
N GLU C 168 16.93 19.60 -9.65
CA GLU C 168 16.00 20.72 -9.50
C GLU C 168 16.03 21.25 -8.06
N TYR D 39 5.65 5.67 9.17
CA TYR D 39 4.61 5.39 8.18
C TYR D 39 3.43 4.66 8.82
N SER D 40 3.70 3.95 9.91
CA SER D 40 2.65 3.30 10.67
C SER D 40 2.02 4.30 11.62
N LEU D 41 2.83 4.78 12.56
CA LEU D 41 2.42 5.81 13.52
C LEU D 41 1.56 6.88 12.88
N VAL D 42 1.90 7.25 11.64
CA VAL D 42 1.25 8.37 10.99
C VAL D 42 -0.04 7.97 10.26
N LYS D 43 0.03 6.90 9.47
CA LYS D 43 -1.12 6.47 8.68
C LYS D 43 -2.28 6.07 9.58
N ALA D 44 -1.96 5.43 10.69
CA ALA D 44 -2.97 5.00 11.65
C ALA D 44 -3.86 6.17 12.06
N LEU D 45 -3.23 7.29 12.38
CA LEU D 45 -3.94 8.49 12.84
C LEU D 45 -4.76 9.13 11.72
N GLN D 46 -4.14 9.24 10.54
CA GLN D 46 -4.72 9.99 9.44
C GLN D 46 -6.03 9.43 8.89
N MET D 47 -6.24 8.11 8.98
CA MET D 47 -7.50 7.53 8.55
C MET D 47 -8.66 8.04 9.40
N ALA D 48 -8.35 8.43 10.63
CA ALA D 48 -9.34 9.03 11.51
C ALA D 48 -9.16 10.54 11.55
N GLN D 49 -10.27 11.27 11.54
CA GLN D 49 -10.21 12.73 11.57
C GLN D 49 -10.14 13.26 13.01
N GLN D 50 -8.98 13.10 13.63
CA GLN D 50 -8.72 13.65 14.96
C GLN D 50 -9.43 12.85 16.08
N ASN D 51 -9.80 11.61 15.78
CA ASN D 51 -10.44 10.76 16.78
C ASN D 51 -9.49 9.69 17.33
N PHE D 52 -8.22 10.04 17.48
CA PHE D 52 -7.20 9.08 17.87
C PHE D 52 -7.00 9.01 19.38
N VAL D 53 -6.04 8.18 19.79
CA VAL D 53 -5.55 8.12 21.16
C VAL D 53 -4.17 7.48 21.16
N ILE D 54 -3.36 7.81 22.16
CA ILE D 54 -2.06 7.14 22.33
C ILE D 54 -1.96 6.59 23.75
N THR D 55 -1.57 5.31 23.85
CA THR D 55 -1.43 4.67 25.14
C THR D 55 0.03 4.31 25.42
N ASP D 56 0.40 4.27 26.69
CA ASP D 56 1.78 3.96 27.07
C ASP D 56 1.90 2.52 27.59
N ALA D 57 2.43 1.65 26.74
CA ALA D 57 2.68 0.26 27.12
C ALA D 57 3.87 0.16 28.06
N SER D 58 4.70 1.20 28.05
CA SER D 58 5.87 1.26 28.91
C SER D 58 5.43 1.32 30.37
N LEU D 59 4.27 1.91 30.61
CA LEU D 59 3.68 1.93 31.94
C LEU D 59 3.14 0.55 32.28
N PRO D 60 3.58 -0.01 33.42
CA PRO D 60 3.03 -1.30 33.87
C PRO D 60 1.52 -1.22 33.96
N ASP D 61 1.03 0.01 34.10
CA ASP D 61 -0.40 0.29 34.19
C ASP D 61 -1.03 0.22 32.79
N ASN D 62 -0.42 0.91 31.84
CA ASN D 62 -0.90 0.98 30.47
C ASN D 62 -2.27 1.63 30.31
N PRO D 63 -2.40 2.89 30.76
CA PRO D 63 -3.58 3.69 30.42
C PRO D 63 -3.31 4.42 29.11
N ILE D 64 -4.03 5.50 28.84
CA ILE D 64 -3.72 6.36 27.73
C ILE D 64 -2.89 7.55 28.23
N VAL D 65 -2.05 8.11 27.36
CA VAL D 65 -1.18 9.21 27.76
C VAL D 65 -1.52 10.54 27.08
N TYR D 66 -2.22 10.48 25.95
CA TYR D 66 -2.76 11.67 25.32
C TYR D 66 -3.96 11.37 24.43
N ALA D 67 -5.06 12.08 24.65
CA ALA D 67 -6.28 11.92 23.85
C ALA D 67 -6.58 13.18 23.06
N SER D 68 -7.08 13.01 21.84
CA SER D 68 -7.40 14.14 20.97
C SER D 68 -8.72 14.79 21.35
N ARG D 69 -9.02 15.91 20.71
CA ARG D 69 -10.26 16.63 20.95
C ARG D 69 -11.43 15.89 20.29
N GLY D 70 -11.19 15.35 19.10
CA GLY D 70 -12.20 14.63 18.37
C GLY D 70 -12.62 13.35 19.08
N PHE D 71 -11.66 12.67 19.69
CA PHE D 71 -11.94 11.47 20.45
C PHE D 71 -12.87 11.79 21.63
N LEU D 72 -12.81 13.03 22.09
CA LEU D 72 -13.60 13.47 23.23
C LEU D 72 -15.06 13.76 22.87
N THR D 73 -15.26 14.74 21.97
CA THR D 73 -16.61 15.11 21.54
C THR D 73 -17.36 13.90 20.99
N LEU D 74 -16.64 12.80 20.80
CA LEU D 74 -17.24 11.56 20.34
C LEU D 74 -17.74 10.72 21.52
N THR D 75 -16.85 10.47 22.48
CA THR D 75 -17.16 9.56 23.59
C THR D 75 -18.02 10.21 24.68
N GLY D 76 -18.20 11.53 24.59
CA GLY D 76 -19.11 12.22 25.51
C GLY D 76 -18.47 12.93 26.67
N TYR D 77 -17.27 12.51 27.07
CA TYR D 77 -16.58 13.13 28.18
C TYR D 77 -15.85 14.40 27.75
N SER D 78 -15.24 15.08 28.71
CA SER D 78 -14.44 16.26 28.42
C SER D 78 -12.95 15.92 28.45
N LEU D 79 -12.12 16.90 28.10
CA LEU D 79 -10.67 16.70 28.06
C LEU D 79 -10.17 16.12 29.38
N ASP D 80 -10.65 16.67 30.48
CA ASP D 80 -10.19 16.26 31.82
C ASP D 80 -11.14 15.31 32.54
N GLN D 81 -12.20 14.85 31.87
CA GLN D 81 -13.07 13.84 32.45
C GLN D 81 -12.44 12.46 32.33
N ILE D 82 -11.23 12.43 31.79
CA ILE D 82 -10.40 11.23 31.78
C ILE D 82 -9.01 11.59 32.30
N LEU D 83 -8.62 10.99 33.41
CA LEU D 83 -7.31 11.28 33.98
C LEU D 83 -6.39 10.06 33.94
N GLY D 84 -6.50 9.26 32.88
CA GLY D 84 -5.64 8.10 32.69
C GLY D 84 -6.41 6.79 32.75
N ARG D 85 -7.64 6.82 32.29
CA ARG D 85 -8.48 5.63 32.28
C ARG D 85 -8.30 4.89 30.96
N ASN D 86 -7.89 3.63 31.04
CA ASN D 86 -7.72 2.81 29.84
C ASN D 86 -9.02 2.72 29.04
N CYS D 87 -8.89 2.65 27.72
CA CYS D 87 -10.03 2.76 26.81
C CYS D 87 -11.18 1.80 27.13
N ARG D 88 -10.89 0.79 27.96
CA ARG D 88 -11.85 -0.27 28.27
C ARG D 88 -13.14 0.21 28.95
N PHE D 89 -13.06 1.32 29.70
CA PHE D 89 -14.18 1.79 30.50
C PHE D 89 -15.42 2.14 29.68
N LEU D 90 -15.25 2.28 28.37
CA LEU D 90 -16.36 2.66 27.49
C LEU D 90 -17.41 1.56 27.35
N GLN D 91 -16.98 0.32 27.56
CA GLN D 91 -17.85 -0.84 27.37
C GLN D 91 -18.97 -0.92 28.40
N GLY D 92 -20.07 -1.56 28.03
CA GLY D 92 -21.21 -1.68 28.92
C GLY D 92 -21.98 -2.99 28.76
N PRO D 93 -23.26 -2.99 29.19
CA PRO D 93 -24.14 -4.16 29.22
C PRO D 93 -24.27 -4.88 27.88
N GLU D 94 -24.53 -4.13 26.81
CA GLU D 94 -24.82 -4.73 25.51
C GLU D 94 -23.58 -5.18 24.73
N THR D 95 -22.41 -4.66 25.10
CA THR D 95 -21.17 -4.98 24.40
C THR D 95 -20.91 -6.48 24.32
N ASP D 96 -20.51 -6.95 23.14
CA ASP D 96 -20.23 -8.36 22.94
C ASP D 96 -18.90 -8.76 23.57
N PRO D 97 -18.93 -9.77 24.46
CA PRO D 97 -17.76 -10.26 25.18
C PRO D 97 -16.74 -10.93 24.26
N ARG D 98 -17.21 -11.55 23.18
CA ARG D 98 -16.30 -12.23 22.26
C ARG D 98 -15.48 -11.24 21.44
N ALA D 99 -16.10 -10.14 21.03
CA ALA D 99 -15.40 -9.10 20.28
C ALA D 99 -14.30 -8.50 21.15
N VAL D 100 -14.57 -8.41 22.45
CA VAL D 100 -13.61 -7.89 23.42
C VAL D 100 -12.37 -8.77 23.50
N ASP D 101 -12.59 -10.09 23.52
CA ASP D 101 -11.49 -11.04 23.62
C ASP D 101 -10.56 -10.95 22.42
N LYS D 102 -11.11 -10.68 21.24
CA LYS D 102 -10.32 -10.55 20.02
C LYS D 102 -9.24 -9.48 20.15
N ILE D 103 -9.60 -8.36 20.79
CA ILE D 103 -8.69 -7.23 20.93
C ILE D 103 -7.64 -7.46 22.02
N ARG D 104 -8.07 -7.99 23.16
CA ARG D 104 -7.14 -8.31 24.24
C ARG D 104 -5.97 -9.10 23.69
N ASN D 105 -6.29 -10.10 22.89
CA ASN D 105 -5.28 -10.95 22.26
C ASN D 105 -4.43 -10.16 21.27
N ALA D 106 -5.07 -9.32 20.47
CA ALA D 106 -4.39 -8.50 19.48
C ALA D 106 -3.37 -7.57 20.13
N ILE D 107 -3.68 -7.09 21.33
CA ILE D 107 -2.75 -6.28 22.10
C ILE D 107 -1.44 -7.02 22.35
N THR D 108 -1.55 -8.18 22.97
CA THR D 108 -0.40 -8.92 23.47
C THR D 108 0.58 -9.37 22.38
N LYS D 109 0.06 -9.62 21.18
CA LYS D 109 0.91 -10.03 20.06
C LYS D 109 1.43 -8.82 19.28
N GLY D 110 0.83 -7.66 19.52
CA GLY D 110 1.24 -6.43 18.85
C GLY D 110 0.78 -6.34 17.42
N VAL D 111 -0.17 -7.21 17.05
CA VAL D 111 -0.75 -7.19 15.71
C VAL D 111 -1.86 -6.15 15.64
N ASP D 112 -1.83 -5.34 14.58
CA ASP D 112 -2.81 -4.29 14.39
C ASP D 112 -4.15 -4.88 13.94
N THR D 113 -5.21 -4.58 14.68
CA THR D 113 -6.53 -5.10 14.36
C THR D 113 -7.59 -4.01 14.27
N SER D 114 -8.71 -4.33 13.66
CA SER D 114 -9.87 -3.45 13.59
C SER D 114 -11.09 -4.20 14.10
N VAL D 115 -11.74 -3.65 15.12
CA VAL D 115 -12.91 -4.29 15.70
C VAL D 115 -14.08 -3.32 15.79
N CYS D 116 -15.29 -3.85 15.68
CA CYS D 116 -16.50 -3.04 15.81
C CYS D 116 -17.37 -3.57 16.94
N LEU D 117 -17.60 -2.73 17.94
CA LEU D 117 -18.41 -3.13 19.09
C LEU D 117 -19.15 -1.94 19.71
N LEU D 118 -20.27 -2.22 20.35
CA LEU D 118 -21.12 -1.16 20.89
C LEU D 118 -20.51 -0.51 22.12
N ASN D 119 -20.08 0.74 21.96
CA ASN D 119 -19.52 1.52 23.06
C ASN D 119 -20.57 2.40 23.73
N TYR D 120 -20.17 3.06 24.82
CA TYR D 120 -21.09 3.92 25.56
C TYR D 120 -20.50 5.30 25.79
N ARG D 121 -21.33 6.33 25.65
CA ARG D 121 -20.90 7.69 25.93
C ARG D 121 -20.95 7.97 27.43
N GLN D 122 -20.84 9.25 27.79
CA GLN D 122 -20.93 9.65 29.19
C GLN D 122 -22.39 9.64 29.65
N ASP D 123 -23.26 10.25 28.85
CA ASP D 123 -24.67 10.38 29.20
C ASP D 123 -25.40 9.03 29.20
N GLY D 124 -24.68 7.97 28.86
CA GLY D 124 -25.23 6.63 28.95
C GLY D 124 -25.70 6.05 27.62
N THR D 125 -25.93 6.92 26.64
CA THR D 125 -26.41 6.46 25.33
C THR D 125 -25.34 5.67 24.59
N THR D 126 -25.77 4.73 23.76
CA THR D 126 -24.84 3.84 23.06
C THR D 126 -24.56 4.26 21.63
N PHE D 127 -23.51 3.69 21.04
CA PHE D 127 -23.14 3.95 19.66
C PHE D 127 -22.20 2.86 19.17
N TRP D 128 -22.19 2.61 17.87
CA TRP D 128 -21.33 1.57 17.30
C TRP D 128 -19.95 2.12 16.92
N ASN D 129 -18.91 1.53 17.52
CA ASN D 129 -17.54 2.00 17.33
C ASN D 129 -16.67 1.01 16.56
N LEU D 130 -16.20 1.44 15.39
CA LEU D 130 -15.24 0.68 14.61
C LEU D 130 -13.86 1.30 14.82
N PHE D 131 -13.05 0.69 15.68
CA PHE D 131 -11.75 1.29 16.01
C PHE D 131 -10.53 0.52 15.50
N PHE D 132 -9.38 1.21 15.53
CA PHE D 132 -8.14 0.71 14.94
C PHE D 132 -7.07 0.73 16.03
N VAL D 133 -6.44 -0.41 16.29
CA VAL D 133 -5.41 -0.48 17.32
C VAL D 133 -4.06 -0.99 16.78
N ALA D 134 -2.97 -0.39 17.27
CA ALA D 134 -1.63 -0.75 16.85
C ALA D 134 -0.60 -0.38 17.91
N GLY D 135 0.62 -0.89 17.77
CA GLY D 135 1.68 -0.62 18.72
C GLY D 135 3.01 -0.28 18.08
N LEU D 136 3.69 0.72 18.65
CA LEU D 136 4.96 1.22 18.11
C LEU D 136 6.14 0.50 18.76
N ARG D 137 6.97 -0.15 17.94
CA ARG D 137 8.09 -0.91 18.45
C ARG D 137 9.37 -0.06 18.45
N ASP D 138 10.28 -0.36 19.36
CA ASP D 138 11.55 0.35 19.44
C ASP D 138 12.65 -0.37 18.68
N SER D 139 13.89 0.03 18.94
CA SER D 139 15.06 -0.57 18.30
C SER D 139 15.08 -2.07 18.50
N LYS D 140 14.86 -2.50 19.74
CA LYS D 140 14.92 -3.91 20.10
C LYS D 140 13.72 -4.70 19.54
N GLY D 141 12.75 -3.98 18.98
CA GLY D 141 11.54 -4.60 18.49
C GLY D 141 10.48 -4.70 19.57
N ASN D 142 10.74 -4.04 20.69
CA ASN D 142 9.82 -4.05 21.82
C ASN D 142 8.76 -2.95 21.69
N ILE D 143 7.51 -3.32 21.93
CA ILE D 143 6.41 -2.36 21.90
C ILE D 143 6.51 -1.42 23.11
N VAL D 144 6.68 -0.14 22.85
CA VAL D 144 6.83 0.84 23.91
C VAL D 144 5.62 1.78 23.99
N ASN D 145 4.84 1.82 22.91
CA ASN D 145 3.63 2.62 22.85
C ASN D 145 2.59 2.01 21.93
N TYR D 146 1.33 2.34 22.16
CA TYR D 146 0.25 1.91 21.27
C TYR D 146 -0.49 3.10 20.67
N VAL D 147 -1.42 2.83 19.78
CA VAL D 147 -2.22 3.88 19.15
C VAL D 147 -3.65 3.39 18.89
N GLY D 148 -4.62 4.29 19.00
CA GLY D 148 -6.01 3.94 18.78
C GLY D 148 -6.72 4.93 17.88
N VAL D 149 -7.59 4.40 17.03
CA VAL D 149 -8.38 5.22 16.11
C VAL D 149 -9.85 4.83 16.16
N GLN D 150 -10.67 5.72 16.71
CA GLN D 150 -12.09 5.42 16.92
C GLN D 150 -12.98 6.17 15.94
N SER D 151 -14.19 5.66 15.77
CA SER D 151 -15.17 6.27 14.86
C SER D 151 -16.53 5.59 14.97
N LYS D 152 -17.59 6.39 14.86
CA LYS D 152 -18.95 5.85 14.90
C LYS D 152 -19.37 5.36 13.52
N VAL D 153 -20.17 4.30 13.49
CA VAL D 153 -20.68 3.77 12.23
C VAL D 153 -22.21 3.63 12.23
N SER D 154 -22.79 3.53 11.04
CA SER D 154 -24.24 3.50 10.90
C SER D 154 -24.85 2.17 11.33
N GLU D 155 -26.17 2.05 11.15
CA GLU D 155 -26.90 0.84 11.52
C GLU D 155 -26.54 -0.33 10.62
N ASP D 156 -26.91 -0.23 9.35
CA ASP D 156 -26.75 -1.32 8.41
C ASP D 156 -25.27 -1.62 8.09
N TYR D 157 -24.38 -0.70 8.47
CA TYR D 157 -22.96 -0.91 8.27
C TYR D 157 -22.37 -1.74 9.41
N ALA D 158 -22.78 -1.43 10.63
CA ALA D 158 -22.39 -2.22 11.78
C ALA D 158 -23.05 -3.58 11.72
N LYS D 159 -24.24 -3.63 11.13
CA LYS D 159 -24.94 -4.88 10.91
C LYS D 159 -24.14 -5.78 9.98
N LEU D 160 -23.50 -5.17 8.99
CA LEU D 160 -22.72 -5.92 8.02
C LEU D 160 -21.39 -6.34 8.63
N LEU D 161 -20.79 -5.43 9.40
CA LEU D 161 -19.51 -5.68 10.05
C LEU D 161 -19.59 -6.77 11.12
N VAL D 162 -20.68 -6.75 11.90
CA VAL D 162 -20.87 -7.70 12.99
C VAL D 162 -20.98 -9.15 12.50
N ASN D 163 -21.74 -9.37 11.44
CA ASN D 163 -21.89 -10.68 10.85
C ASN D 163 -20.55 -11.34 10.55
N GLU D 164 -19.62 -10.55 10.00
CA GLU D 164 -18.34 -11.08 9.54
C GLU D 164 -17.41 -11.42 10.71
N GLN D 165 -17.48 -10.65 11.78
CA GLN D 165 -16.68 -10.89 12.97
C GLN D 165 -17.04 -12.23 13.61
N ASN D 166 -18.28 -12.67 13.40
CA ASN D 166 -18.77 -13.91 13.98
C ASN D 166 -18.37 -15.16 13.18
N ILE D 167 -17.91 -14.94 11.95
CA ILE D 167 -17.46 -16.04 11.12
C ILE D 167 -16.08 -16.53 11.53
N GLU E 35 14.19 0.66 2.56
CA GLU E 35 14.61 -0.25 3.61
C GLU E 35 13.60 -1.38 3.81
N ASP E 36 12.46 -1.24 3.14
CA ASP E 36 11.39 -2.23 3.26
C ASP E 36 10.53 -2.24 2.00
N PRO E 37 10.35 -3.43 1.40
CA PRO E 37 9.65 -3.64 0.13
C PRO E 37 8.12 -3.61 0.25
N ASP E 38 7.46 -3.95 -0.85
CA ASP E 38 6.01 -3.94 -0.92
C ASP E 38 5.55 -5.02 -1.88
N TYR E 39 5.56 -6.27 -1.41
CA TYR E 39 5.34 -7.43 -2.27
C TYR E 39 3.87 -7.84 -2.41
N SER E 40 3.46 -8.12 -3.65
CA SER E 40 2.11 -8.53 -3.95
C SER E 40 1.76 -9.82 -3.21
N LEU E 41 2.73 -10.73 -3.15
CA LEU E 41 2.55 -12.01 -2.46
C LEU E 41 2.24 -11.78 -0.99
N VAL E 42 3.09 -11.01 -0.34
CA VAL E 42 3.00 -10.76 1.10
C VAL E 42 1.70 -10.06 1.51
N LYS E 43 1.34 -8.98 0.84
CA LYS E 43 0.10 -8.26 1.13
C LYS E 43 -1.09 -9.19 1.03
N ALA E 44 -1.14 -9.98 -0.03
CA ALA E 44 -2.22 -10.93 -0.24
C ALA E 44 -2.35 -11.88 0.93
N LEU E 45 -1.19 -12.33 1.42
CA LEU E 45 -1.15 -13.32 2.49
C LEU E 45 -1.53 -12.74 3.84
N GLN E 46 -1.01 -11.57 4.16
CA GLN E 46 -1.28 -10.93 5.45
C GLN E 46 -2.76 -10.59 5.63
N MET E 47 -3.44 -10.30 4.52
CA MET E 47 -4.87 -10.03 4.56
C MET E 47 -5.69 -11.31 4.38
N ALA E 48 -5.00 -12.44 4.41
CA ALA E 48 -5.62 -13.76 4.15
C ALA E 48 -6.18 -14.41 5.40
N GLN E 49 -5.67 -14.02 6.57
CA GLN E 49 -6.09 -14.60 7.83
C GLN E 49 -5.91 -16.11 7.87
N GLN E 50 -4.72 -16.56 7.47
CA GLN E 50 -4.32 -17.96 7.53
C GLN E 50 -5.23 -18.90 6.73
N ASN E 51 -5.92 -18.36 5.74
CA ASN E 51 -6.75 -19.16 4.86
C ASN E 51 -6.35 -18.91 3.41
N PHE E 52 -5.37 -19.68 2.93
CA PHE E 52 -4.81 -19.45 1.60
C PHE E 52 -4.27 -20.75 1.00
N VAL E 53 -3.97 -20.70 -0.30
CA VAL E 53 -3.32 -21.82 -0.97
C VAL E 53 -2.33 -21.31 -2.00
N ILE E 54 -1.34 -22.14 -2.34
CA ILE E 54 -0.41 -21.87 -3.43
C ILE E 54 -0.60 -22.90 -4.52
N THR E 55 -0.83 -22.44 -5.75
CA THR E 55 -0.90 -23.34 -6.90
C THR E 55 0.38 -23.24 -7.72
N ASP E 56 0.66 -24.29 -8.51
CA ASP E 56 1.84 -24.29 -9.38
C ASP E 56 1.40 -24.24 -10.84
N ALA E 57 1.61 -23.10 -11.49
CA ALA E 57 1.14 -22.93 -12.87
C ALA E 57 1.98 -23.67 -13.90
N SER E 58 3.17 -24.10 -13.51
CA SER E 58 4.04 -24.85 -14.41
C SER E 58 3.59 -26.30 -14.55
N LEU E 59 2.72 -26.74 -13.65
CA LEU E 59 2.22 -28.11 -13.70
C LEU E 59 0.84 -28.16 -14.36
N PRO E 60 0.48 -29.33 -14.92
CA PRO E 60 -0.78 -29.50 -15.64
C PRO E 60 -2.00 -29.19 -14.79
N ASP E 61 -2.82 -28.26 -15.27
CA ASP E 61 -4.06 -27.86 -14.60
C ASP E 61 -3.84 -27.14 -13.26
N ASN E 62 -2.72 -26.43 -13.15
CA ASN E 62 -2.50 -25.52 -12.03
C ASN E 62 -2.92 -26.11 -10.70
N PRO E 63 -2.23 -27.17 -10.26
CA PRO E 63 -2.59 -27.90 -9.04
C PRO E 63 -2.11 -27.20 -7.77
N ILE E 64 -2.87 -27.37 -6.69
CA ILE E 64 -2.50 -26.85 -5.39
C ILE E 64 -1.29 -27.60 -4.84
N VAL E 65 -0.25 -26.86 -4.48
CA VAL E 65 0.95 -27.47 -3.94
C VAL E 65 1.17 -27.07 -2.49
N TYR E 66 0.37 -26.14 -2.00
CA TYR E 66 0.32 -25.87 -0.56
C TYR E 66 -1.01 -25.28 -0.11
N ALA E 67 -1.51 -25.77 1.02
CA ALA E 67 -2.73 -25.23 1.63
C ALA E 67 -2.52 -24.93 3.10
N SER E 68 -2.94 -23.75 3.54
CA SER E 68 -2.88 -23.39 4.96
C SER E 68 -3.94 -24.19 5.72
N ARG E 69 -3.70 -24.44 7.00
CA ARG E 69 -4.65 -25.21 7.81
C ARG E 69 -6.01 -24.54 7.81
N GLY E 70 -6.01 -23.21 7.79
CA GLY E 70 -7.24 -22.45 7.72
C GLY E 70 -8.10 -22.83 6.53
N PHE E 71 -7.43 -23.16 5.42
CA PHE E 71 -8.12 -23.64 4.23
C PHE E 71 -8.66 -25.04 4.47
N LEU E 72 -7.87 -25.85 5.16
CA LEU E 72 -8.28 -27.19 5.54
C LEU E 72 -9.55 -27.14 6.38
N THR E 73 -9.48 -26.42 7.49
CA THR E 73 -10.59 -26.40 8.43
C THR E 73 -11.82 -25.73 7.81
N LEU E 74 -11.58 -24.88 6.81
CA LEU E 74 -12.69 -24.23 6.12
C LEU E 74 -13.45 -25.19 5.22
N THR E 75 -12.71 -25.96 4.42
CA THR E 75 -13.34 -26.84 3.43
C THR E 75 -13.73 -28.20 4.00
N GLY E 76 -12.96 -28.68 4.97
CA GLY E 76 -13.24 -29.96 5.60
C GLY E 76 -12.45 -31.11 5.01
N TYR E 77 -11.59 -30.79 4.04
CA TYR E 77 -10.75 -31.80 3.41
C TYR E 77 -9.43 -31.97 4.16
N SER E 78 -8.81 -33.12 3.98
CA SER E 78 -7.48 -33.35 4.52
C SER E 78 -6.43 -32.97 3.48
N LEU E 79 -5.21 -32.77 3.94
CA LEU E 79 -4.13 -32.29 3.08
C LEU E 79 -3.94 -33.14 1.83
N ASP E 80 -3.92 -34.45 2.00
CA ASP E 80 -3.59 -35.35 0.91
C ASP E 80 -4.77 -35.59 -0.04
N GLN E 81 -5.93 -35.03 0.29
CA GLN E 81 -7.05 -35.07 -0.65
C GLN E 81 -7.33 -33.67 -1.20
N ILE E 82 -6.30 -32.83 -1.15
CA ILE E 82 -6.35 -31.47 -1.66
C ILE E 82 -5.17 -31.25 -2.61
N LEU E 83 -3.98 -31.56 -2.11
CA LEU E 83 -2.76 -31.38 -2.88
C LEU E 83 -2.83 -32.08 -4.23
N GLY E 84 -2.29 -31.43 -5.26
CA GLY E 84 -2.26 -31.99 -6.59
C GLY E 84 -3.57 -31.84 -7.34
N ARG E 85 -4.54 -31.18 -6.72
CA ARG E 85 -5.85 -30.99 -7.34
C ARG E 85 -6.05 -29.54 -7.74
N ASN E 86 -6.88 -29.31 -8.74
CA ASN E 86 -7.28 -27.96 -9.10
C ASN E 86 -8.35 -27.47 -8.15
N CYS E 87 -8.29 -26.20 -7.78
CA CYS E 87 -9.19 -25.66 -6.76
C CYS E 87 -10.67 -25.79 -7.12
N ARG E 88 -10.99 -26.08 -8.37
CA ARG E 88 -12.38 -26.17 -8.82
C ARG E 88 -13.17 -27.29 -8.11
N PHE E 89 -12.48 -28.17 -7.40
CA PHE E 89 -13.15 -29.28 -6.72
C PHE E 89 -14.06 -28.77 -5.60
N LEU E 90 -13.88 -27.51 -5.23
CA LEU E 90 -14.71 -26.90 -4.19
C LEU E 90 -16.07 -26.50 -4.72
N GLN E 91 -16.26 -26.63 -6.04
CA GLN E 91 -17.51 -26.21 -6.65
C GLN E 91 -18.52 -27.34 -6.76
N GLY E 92 -19.75 -26.98 -7.07
CA GLY E 92 -20.84 -27.95 -7.14
C GLY E 92 -22.02 -27.46 -7.96
N PRO E 93 -23.09 -28.26 -7.97
CA PRO E 93 -24.30 -28.04 -8.79
C PRO E 93 -24.84 -26.61 -8.77
N GLU E 94 -24.87 -25.98 -7.60
CA GLU E 94 -25.45 -24.63 -7.47
C GLU E 94 -24.48 -23.48 -7.77
N THR E 95 -23.20 -23.81 -7.96
CA THR E 95 -22.21 -22.78 -8.24
C THR E 95 -22.53 -22.04 -9.54
N ASP E 96 -22.44 -20.71 -9.49
CA ASP E 96 -22.71 -19.89 -10.68
C ASP E 96 -21.64 -20.11 -11.74
N PRO E 97 -22.02 -20.70 -12.87
CA PRO E 97 -21.08 -21.04 -13.95
C PRO E 97 -20.47 -19.78 -14.54
N ARG E 98 -21.14 -18.65 -14.34
CA ARG E 98 -20.68 -17.38 -14.88
C ARG E 98 -19.57 -16.81 -14.01
N ALA E 99 -19.76 -16.83 -12.70
CA ALA E 99 -18.72 -16.41 -11.78
C ALA E 99 -17.43 -17.19 -12.03
N VAL E 100 -17.58 -18.48 -12.31
CA VAL E 100 -16.43 -19.32 -12.63
C VAL E 100 -15.72 -18.82 -13.88
N ASP E 101 -16.48 -18.39 -14.87
CA ASP E 101 -15.91 -17.82 -16.07
C ASP E 101 -15.07 -16.61 -15.68
N LYS E 102 -15.62 -15.79 -14.79
CA LYS E 102 -14.94 -14.59 -14.32
C LYS E 102 -13.50 -14.90 -13.95
N ILE E 103 -13.28 -15.87 -13.06
CA ILE E 103 -11.94 -16.19 -12.63
C ILE E 103 -11.11 -16.81 -13.75
N ARG E 104 -11.68 -17.74 -14.50
CA ARG E 104 -10.95 -18.40 -15.56
C ARG E 104 -10.36 -17.35 -16.50
N ASN E 105 -11.19 -16.37 -16.86
CA ASN E 105 -10.74 -15.27 -17.71
C ASN E 105 -9.59 -14.52 -17.07
N ALA E 106 -9.79 -14.07 -15.84
CA ALA E 106 -8.76 -13.34 -15.10
C ALA E 106 -7.49 -14.16 -15.00
N ILE E 107 -7.63 -15.46 -14.81
CA ILE E 107 -6.48 -16.33 -14.61
C ILE E 107 -5.66 -16.51 -15.88
N THR E 108 -6.32 -16.69 -17.01
CA THR E 108 -5.61 -16.82 -18.28
C THR E 108 -5.01 -15.48 -18.70
N LYS E 109 -5.72 -14.40 -18.40
CA LYS E 109 -5.25 -13.06 -18.71
C LYS E 109 -4.32 -12.52 -17.61
N GLY E 110 -4.01 -13.38 -16.65
CA GLY E 110 -3.03 -13.06 -15.62
C GLY E 110 -3.33 -11.83 -14.78
N VAL E 111 -4.58 -11.38 -14.78
CA VAL E 111 -4.96 -10.24 -13.95
C VAL E 111 -5.48 -10.69 -12.59
N ASP E 112 -5.04 -10.03 -11.53
CA ASP E 112 -5.48 -10.36 -10.18
C ASP E 112 -6.92 -9.93 -9.95
N THR E 113 -7.75 -10.86 -9.48
CA THR E 113 -9.14 -10.54 -9.16
C THR E 113 -9.63 -11.33 -7.96
N SER E 114 -10.84 -10.99 -7.52
CA SER E 114 -11.50 -11.74 -6.46
C SER E 114 -12.97 -11.96 -6.84
N VAL E 115 -13.47 -13.15 -6.54
CA VAL E 115 -14.84 -13.51 -6.85
C VAL E 115 -15.55 -14.01 -5.60
N CYS E 116 -16.86 -13.82 -5.56
CA CYS E 116 -17.67 -14.44 -4.52
C CYS E 116 -18.60 -15.48 -5.14
N LEU E 117 -18.30 -16.75 -4.91
CA LEU E 117 -19.15 -17.81 -5.42
C LEU E 117 -19.42 -18.88 -4.36
N LEU E 118 -20.42 -19.70 -4.63
CA LEU E 118 -20.85 -20.72 -3.68
C LEU E 118 -19.95 -21.94 -3.81
N ASN E 119 -19.39 -22.35 -2.67
CA ASN E 119 -18.57 -23.56 -2.64
C ASN E 119 -19.13 -24.65 -1.75
N TYR E 120 -18.57 -25.85 -1.87
CA TYR E 120 -19.06 -27.03 -1.16
C TYR E 120 -17.97 -27.64 -0.29
N ARG E 121 -18.31 -27.88 0.97
CA ARG E 121 -17.39 -28.53 1.89
C ARG E 121 -17.34 -30.04 1.63
N GLN E 122 -16.40 -30.71 2.25
CA GLN E 122 -16.23 -32.15 2.07
C GLN E 122 -17.52 -32.92 2.43
N ASP E 123 -18.31 -32.35 3.33
CA ASP E 123 -19.54 -33.01 3.79
C ASP E 123 -20.76 -32.63 2.96
N GLY E 124 -20.56 -31.85 1.91
CA GLY E 124 -21.64 -31.49 1.01
C GLY E 124 -22.44 -30.27 1.44
N THR E 125 -22.05 -29.67 2.56
CA THR E 125 -22.66 -28.42 3.00
C THR E 125 -22.04 -27.27 2.20
N THR E 126 -22.81 -26.20 2.00
CA THR E 126 -22.36 -25.10 1.15
C THR E 126 -22.07 -23.82 1.92
N PHE E 127 -21.17 -23.01 1.37
CA PHE E 127 -20.90 -21.68 1.91
C PHE E 127 -20.60 -20.73 0.77
N TRP E 128 -20.74 -19.44 1.02
CA TRP E 128 -20.34 -18.44 0.03
C TRP E 128 -18.90 -18.02 0.24
N ASN E 129 -18.09 -18.20 -0.79
CA ASN E 129 -16.66 -18.00 -0.71
C ASN E 129 -16.19 -16.79 -1.50
N LEU E 130 -15.81 -15.72 -0.79
CA LEU E 130 -15.15 -14.58 -1.41
C LEU E 130 -13.65 -14.80 -1.41
N PHE E 131 -13.08 -15.10 -2.57
CA PHE E 131 -11.65 -15.40 -2.63
C PHE E 131 -10.93 -14.55 -3.66
N PHE E 132 -9.66 -14.27 -3.38
CA PHE E 132 -8.83 -13.43 -4.23
C PHE E 132 -7.70 -14.27 -4.81
N VAL E 133 -7.45 -14.09 -6.10
CA VAL E 133 -6.38 -14.83 -6.77
C VAL E 133 -5.37 -13.86 -7.41
N ALA E 134 -4.09 -14.16 -7.24
CA ALA E 134 -3.03 -13.30 -7.75
C ALA E 134 -1.87 -14.11 -8.30
N GLY E 135 -1.46 -13.80 -9.52
CA GLY E 135 -0.38 -14.49 -10.19
C GLY E 135 0.99 -13.98 -9.79
N LEU E 136 1.96 -14.89 -9.79
CA LEU E 136 3.34 -14.55 -9.48
C LEU E 136 4.22 -14.87 -10.69
N ARG E 137 4.97 -13.88 -11.16
CA ARG E 137 5.75 -14.04 -12.38
C ARG E 137 7.22 -14.17 -12.11
N ASP E 138 7.92 -14.84 -13.02
CA ASP E 138 9.37 -14.93 -12.96
C ASP E 138 9.99 -13.66 -13.53
N SER E 139 11.29 -13.72 -13.79
CA SER E 139 12.02 -12.58 -14.32
C SER E 139 11.61 -12.24 -15.75
N LYS E 140 11.17 -13.24 -16.49
CA LYS E 140 10.76 -13.05 -17.88
C LYS E 140 9.28 -12.68 -17.98
N GLY E 141 8.61 -12.53 -16.84
CA GLY E 141 7.23 -12.11 -16.81
C GLY E 141 6.21 -13.24 -16.89
N ASN E 142 6.69 -14.49 -16.86
CA ASN E 142 5.81 -15.65 -16.95
C ASN E 142 5.22 -16.06 -15.60
N ILE E 143 3.90 -16.17 -15.54
CA ILE E 143 3.23 -16.60 -14.32
C ILE E 143 3.64 -18.03 -13.96
N VAL E 144 4.26 -18.18 -12.81
CA VAL E 144 4.84 -19.45 -12.42
C VAL E 144 4.12 -19.99 -11.18
N ASN E 145 3.37 -19.11 -10.53
CA ASN E 145 2.60 -19.49 -9.35
C ASN E 145 1.37 -18.61 -9.18
N TYR E 146 0.38 -19.13 -8.45
CA TYR E 146 -0.77 -18.34 -8.05
C TYR E 146 -0.94 -18.45 -6.55
N VAL E 147 -1.35 -17.36 -5.92
CA VAL E 147 -1.74 -17.41 -4.53
C VAL E 147 -3.23 -17.11 -4.42
N GLY E 148 -3.95 -17.95 -3.68
CA GLY E 148 -5.36 -17.78 -3.48
C GLY E 148 -5.71 -17.54 -2.02
N VAL E 149 -6.58 -16.56 -1.79
CA VAL E 149 -7.03 -16.26 -0.43
C VAL E 149 -8.55 -16.42 -0.35
N GLN E 150 -8.98 -17.46 0.36
CA GLN E 150 -10.41 -17.77 0.48
C GLN E 150 -10.98 -17.30 1.81
N SER E 151 -12.29 -17.11 1.85
CA SER E 151 -12.96 -16.71 3.08
C SER E 151 -14.48 -16.91 3.01
N LYS E 152 -15.03 -17.47 4.08
CA LYS E 152 -16.47 -17.61 4.17
C LYS E 152 -17.09 -16.25 4.47
N VAL E 153 -18.19 -15.95 3.79
CA VAL E 153 -18.91 -14.72 4.05
C VAL E 153 -20.37 -15.00 4.45
N SER E 154 -20.90 -14.15 5.31
CA SER E 154 -22.31 -14.23 5.70
C SER E 154 -23.20 -14.10 4.46
N GLU E 155 -24.44 -14.57 4.59
CA GLU E 155 -25.40 -14.49 3.50
C GLU E 155 -25.67 -13.05 3.07
N ASP E 156 -25.72 -12.15 4.04
CA ASP E 156 -26.04 -10.75 3.78
C ASP E 156 -24.90 -10.05 3.03
N TYR E 157 -23.67 -10.43 3.36
CA TYR E 157 -22.50 -9.85 2.70
C TYR E 157 -22.37 -10.40 1.29
N ALA E 158 -22.76 -11.66 1.12
CA ALA E 158 -22.74 -12.30 -0.20
C ALA E 158 -23.69 -11.61 -1.16
N LYS E 159 -24.92 -11.41 -0.72
CA LYS E 159 -25.92 -10.71 -1.53
C LYS E 159 -25.37 -9.37 -2.01
N LEU E 160 -24.61 -8.72 -1.14
CA LEU E 160 -23.99 -7.44 -1.46
C LEU E 160 -22.93 -7.59 -2.53
N LEU E 161 -22.00 -8.51 -2.29
CA LEU E 161 -20.92 -8.77 -3.24
C LEU E 161 -21.41 -9.25 -4.60
N VAL E 162 -22.55 -9.91 -4.63
CA VAL E 162 -23.04 -10.53 -5.86
C VAL E 162 -23.81 -9.56 -6.74
N ASN E 163 -24.50 -8.60 -6.12
CA ASN E 163 -25.14 -7.54 -6.88
C ASN E 163 -24.07 -6.72 -7.58
N GLU E 164 -23.05 -6.32 -6.83
CA GLU E 164 -21.92 -5.61 -7.38
C GLU E 164 -21.31 -6.38 -8.53
N GLN E 165 -21.15 -7.68 -8.34
CA GLN E 165 -20.56 -8.55 -9.33
C GLN E 165 -21.41 -8.61 -10.59
N ASN E 166 -22.73 -8.50 -10.42
CA ASN E 166 -23.66 -8.61 -11.54
C ASN E 166 -23.79 -7.32 -12.34
N ILE E 167 -23.03 -6.32 -11.96
CA ILE E 167 -23.08 -5.02 -12.62
C ILE E 167 -22.51 -5.07 -14.04
N GLU E 168 -21.42 -5.81 -14.23
CA GLU E 168 -20.79 -5.87 -15.54
C GLU E 168 -21.72 -6.38 -16.62
N TYR E 169 -22.58 -7.34 -16.24
CA TYR E 169 -23.48 -7.98 -17.19
C TYR E 169 -24.80 -7.22 -17.29
N LEU F 41 15.74 6.06 -1.49
CA LEU F 41 14.43 5.85 -2.08
C LEU F 41 14.06 4.38 -2.11
N VAL F 42 12.80 4.07 -1.80
CA VAL F 42 12.27 2.72 -1.96
C VAL F 42 12.00 2.49 -3.44
N LYS F 43 12.04 3.58 -4.21
CA LYS F 43 11.90 3.52 -5.65
C LYS F 43 13.05 2.70 -6.23
N ALA F 44 14.08 2.51 -5.41
CA ALA F 44 15.21 1.66 -5.76
C ALA F 44 14.89 0.19 -5.51
N LEU F 45 14.09 -0.07 -4.48
CA LEU F 45 13.73 -1.44 -4.10
C LEU F 45 12.53 -1.95 -4.89
N GLN F 46 12.79 -2.39 -6.13
CA GLN F 46 11.77 -3.05 -6.93
C GLN F 46 12.22 -4.48 -7.18
N MET F 47 11.48 -5.44 -6.65
CA MET F 47 11.92 -6.83 -6.65
C MET F 47 10.83 -7.81 -7.10
N ALA F 48 11.25 -8.87 -7.79
CA ALA F 48 10.34 -9.92 -8.22
C ALA F 48 10.16 -10.97 -7.13
N GLN F 49 9.09 -11.74 -7.21
CA GLN F 49 8.69 -12.62 -6.10
C GLN F 49 8.71 -14.12 -6.41
N GLN F 50 9.37 -14.52 -7.49
CA GLN F 50 9.38 -15.94 -7.86
C GLN F 50 10.21 -16.77 -6.89
N ASN F 51 11.03 -16.11 -6.07
CA ASN F 51 11.83 -16.80 -5.07
C ASN F 51 11.23 -16.63 -3.68
N PHE F 52 10.56 -17.67 -3.19
CA PHE F 52 9.92 -17.56 -1.89
C PHE F 52 9.71 -18.91 -1.20
N VAL F 53 9.82 -18.91 0.12
CA VAL F 53 9.49 -20.09 0.91
C VAL F 53 8.34 -19.79 1.85
N ILE F 54 7.75 -20.86 2.36
CA ILE F 54 6.74 -20.77 3.41
C ILE F 54 7.16 -21.72 4.51
N THR F 55 7.21 -21.22 5.75
CA THR F 55 7.60 -22.04 6.88
C THR F 55 6.43 -22.23 7.87
N ASP F 56 6.47 -23.33 8.61
CA ASP F 56 5.46 -23.62 9.62
C ASP F 56 6.02 -23.43 11.02
N ALA F 57 5.67 -22.32 11.65
CA ALA F 57 6.14 -21.99 12.99
C ALA F 57 5.60 -22.94 14.07
N SER F 58 4.55 -23.69 13.73
CA SER F 58 3.96 -24.62 14.68
C SER F 58 4.85 -25.82 14.94
N LEU F 59 5.82 -26.05 14.05
CA LEU F 59 6.80 -27.11 14.24
C LEU F 59 8.07 -26.49 14.80
N PRO F 60 8.73 -27.21 15.72
CA PRO F 60 9.99 -26.73 16.30
C PRO F 60 11.02 -26.42 15.22
N ASP F 61 11.63 -25.23 15.34
CA ASP F 61 12.65 -24.75 14.41
C ASP F 61 12.07 -24.23 13.10
N ASN F 62 10.81 -23.80 13.14
CA ASN F 62 10.16 -23.12 12.03
C ASN F 62 10.65 -23.55 10.65
N PRO F 63 10.49 -24.84 10.32
CA PRO F 63 11.03 -25.45 9.09
C PRO F 63 10.31 -25.05 7.80
N ILE F 64 11.00 -25.17 6.68
CA ILE F 64 10.45 -24.92 5.37
C ILE F 64 9.44 -26.00 4.98
N VAL F 65 8.20 -25.61 4.76
CA VAL F 65 7.17 -26.56 4.37
C VAL F 65 6.82 -26.40 2.90
N TYR F 66 7.13 -25.23 2.34
CA TYR F 66 7.04 -25.05 0.90
C TYR F 66 8.11 -24.14 0.34
N ALA F 67 8.58 -24.47 -0.86
CA ALA F 67 9.57 -23.66 -1.56
C ALA F 67 9.23 -23.60 -3.04
N SER F 68 9.25 -22.40 -3.60
CA SER F 68 8.99 -22.22 -5.02
C SER F 68 10.15 -22.74 -5.86
N ARG F 69 9.88 -23.07 -7.12
CA ARG F 69 10.95 -23.55 -7.99
C ARG F 69 12.05 -22.51 -8.09
N GLY F 70 11.67 -21.24 -8.06
CA GLY F 70 12.61 -20.15 -8.12
C GLY F 70 13.65 -20.25 -7.01
N PHE F 71 13.17 -20.56 -5.81
CA PHE F 71 14.05 -20.71 -4.67
C PHE F 71 15.04 -21.85 -4.91
N LEU F 72 14.56 -22.89 -5.57
CA LEU F 72 15.40 -24.05 -5.89
C LEU F 72 16.44 -23.69 -6.94
N THR F 73 16.04 -22.89 -7.93
CA THR F 73 16.99 -22.42 -8.94
C THR F 73 18.05 -21.54 -8.31
N LEU F 74 17.63 -20.66 -7.42
CA LEU F 74 18.54 -19.72 -6.78
C LEU F 74 19.54 -20.42 -5.86
N THR F 75 19.06 -21.38 -5.09
CA THR F 75 19.88 -22.06 -4.10
C THR F 75 20.57 -23.30 -4.66
N GLY F 76 19.99 -23.88 -5.71
CA GLY F 76 20.55 -25.06 -6.33
C GLY F 76 20.32 -26.33 -5.53
N TYR F 77 19.21 -26.36 -4.78
CA TYR F 77 18.88 -27.51 -3.95
C TYR F 77 17.63 -28.22 -4.46
N SER F 78 17.52 -29.51 -4.13
CA SER F 78 16.34 -30.29 -4.45
C SER F 78 15.25 -30.04 -3.42
N LEU F 79 14.00 -30.17 -3.83
CA LEU F 79 12.87 -29.88 -2.96
C LEU F 79 12.93 -30.73 -1.69
N ASP F 80 13.33 -31.98 -1.84
CA ASP F 80 13.36 -32.91 -0.72
C ASP F 80 14.62 -32.79 0.12
N GLN F 81 15.61 -32.06 -0.39
CA GLN F 81 16.82 -31.83 0.41
C GLN F 81 16.79 -30.45 1.07
N ILE F 82 15.61 -29.82 1.08
CA ILE F 82 15.44 -28.57 1.81
C ILE F 82 14.21 -28.60 2.72
N LEU F 83 13.13 -29.24 2.25
CA LEU F 83 11.91 -29.31 3.04
C LEU F 83 12.18 -29.91 4.43
N GLY F 84 11.59 -29.30 5.45
CA GLY F 84 11.81 -29.74 6.81
C GLY F 84 12.99 -29.05 7.47
N ARG F 85 13.76 -28.29 6.70
CA ARG F 85 14.95 -27.63 7.22
C ARG F 85 14.73 -26.15 7.49
N ASN F 86 15.31 -25.66 8.57
CA ASN F 86 15.31 -24.22 8.83
C ASN F 86 16.11 -23.51 7.75
N CYS F 87 15.67 -22.33 7.35
CA CYS F 87 16.27 -21.62 6.22
C CYS F 87 17.75 -21.33 6.45
N ARG F 88 18.20 -21.43 7.70
CA ARG F 88 19.57 -21.08 8.06
C ARG F 88 20.65 -21.92 7.38
N PHE F 89 20.26 -23.00 6.71
CA PHE F 89 21.23 -23.88 6.08
C PHE F 89 21.92 -23.25 4.88
N LEU F 90 21.34 -22.15 4.39
CA LEU F 90 21.92 -21.44 3.26
C LEU F 90 23.12 -20.61 3.71
N GLN F 91 23.25 -20.42 5.02
CA GLN F 91 24.32 -19.60 5.58
C GLN F 91 25.64 -20.34 5.64
N GLY F 92 26.74 -19.59 5.78
CA GLY F 92 28.06 -20.17 5.82
C GLY F 92 29.02 -19.43 6.74
N PRO F 93 30.28 -19.87 6.76
CA PRO F 93 31.31 -19.32 7.65
C PRO F 93 31.44 -17.80 7.56
N GLU F 94 31.32 -17.23 6.36
CA GLU F 94 31.47 -15.78 6.19
C GLU F 94 30.16 -15.00 6.36
N THR F 95 29.10 -15.68 6.75
CA THR F 95 27.83 -15.01 7.02
C THR F 95 27.91 -14.18 8.29
N ASP F 96 27.55 -12.90 8.19
CA ASP F 96 27.60 -11.99 9.32
C ASP F 96 26.69 -12.42 10.47
N PRO F 97 27.28 -12.79 11.61
CA PRO F 97 26.53 -13.21 12.81
C PRO F 97 25.58 -12.12 13.28
N ARG F 98 26.05 -10.88 13.28
CA ARG F 98 25.24 -9.75 13.69
C ARG F 98 23.96 -9.64 12.88
N ALA F 99 24.06 -9.89 11.58
CA ALA F 99 22.91 -9.85 10.70
C ALA F 99 21.90 -10.94 11.06
N VAL F 100 22.39 -12.17 11.20
CA VAL F 100 21.56 -13.29 11.58
C VAL F 100 20.81 -13.03 12.88
N ASP F 101 21.44 -12.27 13.78
CA ASP F 101 20.79 -11.94 15.05
C ASP F 101 19.64 -10.97 14.86
N LYS F 102 19.71 -10.15 13.81
CA LYS F 102 18.67 -9.17 13.55
C LYS F 102 17.36 -9.82 13.12
N ILE F 103 17.43 -10.77 12.19
CA ILE F 103 16.22 -11.46 11.75
C ILE F 103 15.69 -12.39 12.83
N ARG F 104 16.55 -13.25 13.36
CA ARG F 104 16.13 -14.18 14.41
C ARG F 104 15.25 -13.46 15.41
N ASN F 105 15.67 -12.26 15.78
CA ASN F 105 14.92 -11.47 16.74
C ASN F 105 13.59 -11.01 16.15
N ALA F 106 13.66 -10.36 15.00
CA ALA F 106 12.47 -9.87 14.31
C ALA F 106 11.44 -10.98 14.19
N ILE F 107 11.91 -12.17 13.82
CA ILE F 107 11.03 -13.32 13.63
C ILE F 107 10.29 -13.70 14.91
N THR F 108 11.02 -13.88 16.00
CA THR F 108 10.40 -14.27 17.25
C THR F 108 9.54 -13.14 17.80
N LYS F 109 9.95 -11.90 17.51
CA LYS F 109 9.19 -10.73 17.92
C LYS F 109 7.96 -10.53 17.04
N GLY F 110 7.97 -11.18 15.88
CA GLY F 110 6.82 -11.13 14.98
C GLY F 110 6.78 -9.85 14.15
N VAL F 111 7.89 -9.14 14.12
CA VAL F 111 7.99 -7.93 13.31
C VAL F 111 8.56 -8.22 11.93
N ASP F 112 7.92 -7.70 10.90
CA ASP F 112 8.35 -7.91 9.52
C ASP F 112 9.58 -7.08 9.19
N THR F 113 10.61 -7.72 8.67
CA THR F 113 11.84 -7.04 8.27
C THR F 113 12.47 -7.70 7.06
N SER F 114 13.36 -6.96 6.41
CA SER F 114 14.18 -7.50 5.34
C SER F 114 15.63 -7.46 5.79
N VAL F 115 16.51 -8.18 5.09
CA VAL F 115 17.91 -8.20 5.48
C VAL F 115 18.77 -8.77 4.36
N CYS F 116 19.98 -8.24 4.23
CA CYS F 116 20.90 -8.71 3.22
C CYS F 116 22.09 -9.37 3.90
N LEU F 117 22.33 -10.64 3.59
CA LEU F 117 23.52 -11.32 4.08
C LEU F 117 24.05 -12.37 3.09
N LEU F 118 25.22 -12.92 3.37
CA LEU F 118 25.84 -13.86 2.46
C LEU F 118 25.24 -15.26 2.57
N ASN F 119 24.75 -15.78 1.46
CA ASN F 119 24.28 -17.17 1.43
C ASN F 119 25.15 -18.05 0.54
N TYR F 120 24.99 -19.36 0.69
CA TYR F 120 25.78 -20.32 -0.05
C TYR F 120 24.87 -21.25 -0.85
N ARG F 121 25.13 -21.39 -2.14
CA ARG F 121 24.43 -22.37 -2.95
C ARG F 121 24.93 -23.76 -2.57
N GLN F 122 24.22 -24.78 -3.05
CA GLN F 122 24.61 -26.16 -2.75
C GLN F 122 26.02 -26.46 -3.24
N ASP F 123 26.36 -25.93 -4.41
CA ASP F 123 27.64 -26.24 -5.04
C ASP F 123 28.83 -25.53 -4.38
N GLY F 124 28.54 -24.63 -3.44
CA GLY F 124 29.58 -23.97 -2.68
C GLY F 124 29.72 -22.47 -2.88
N THR F 125 29.33 -21.99 -4.06
CA THR F 125 29.43 -20.58 -4.38
C THR F 125 28.51 -19.73 -3.52
N THR F 126 28.95 -18.52 -3.19
CA THR F 126 28.17 -17.62 -2.36
C THR F 126 27.50 -16.54 -3.20
N PHE F 127 26.47 -15.93 -2.63
CA PHE F 127 25.80 -14.79 -3.25
C PHE F 127 25.13 -13.97 -2.16
N TRP F 128 24.89 -12.70 -2.44
CA TRP F 128 24.26 -11.83 -1.47
C TRP F 128 22.74 -11.92 -1.57
N ASN F 129 22.11 -12.19 -0.45
CA ASN F 129 20.68 -12.41 -0.40
C ASN F 129 19.97 -11.33 0.38
N LEU F 130 19.26 -10.48 -0.34
CA LEU F 130 18.30 -9.60 0.29
C LEU F 130 16.98 -10.35 0.34
N PHE F 131 16.54 -10.68 1.55
CA PHE F 131 15.26 -11.38 1.69
C PHE F 131 14.36 -10.74 2.73
N PHE F 132 13.05 -10.87 2.52
CA PHE F 132 12.06 -10.30 3.40
C PHE F 132 11.22 -11.39 4.04
N VAL F 133 11.17 -11.43 5.37
N VAL F 133 11.14 -11.38 5.37
CA VAL F 133 10.32 -12.40 6.06
CA VAL F 133 10.35 -12.36 6.11
C VAL F 133 9.18 -11.71 6.79
C VAL F 133 9.17 -11.70 6.81
N ALA F 134 7.98 -12.27 6.63
CA ALA F 134 6.79 -11.73 7.27
C ALA F 134 5.91 -12.83 7.86
N GLY F 135 5.52 -12.65 9.11
CA GLY F 135 4.66 -13.60 9.79
C GLY F 135 3.22 -13.47 9.32
N LEU F 136 2.62 -14.61 8.98
CA LEU F 136 1.20 -14.64 8.59
C LEU F 136 0.33 -14.92 9.79
N ARG F 137 -0.42 -13.90 10.21
CA ARG F 137 -1.22 -13.99 11.42
C ARG F 137 -2.67 -14.43 11.14
N ASP F 138 -3.18 -15.32 11.97
CA ASP F 138 -4.57 -15.77 11.86
C ASP F 138 -5.51 -14.65 12.26
N SER F 139 -6.80 -14.96 12.35
CA SER F 139 -7.79 -13.96 12.76
C SER F 139 -7.53 -13.42 14.16
N LYS F 140 -6.90 -14.23 15.00
CA LYS F 140 -6.57 -13.82 16.37
C LYS F 140 -5.36 -12.90 16.39
N GLY F 141 -4.40 -13.17 15.52
CA GLY F 141 -3.14 -12.46 15.53
C GLY F 141 -1.98 -13.39 15.84
N ASN F 142 -2.20 -14.68 15.66
CA ASN F 142 -1.17 -15.68 15.90
C ASN F 142 -0.42 -15.99 14.62
N ILE F 143 0.89 -16.21 14.74
CA ILE F 143 1.70 -16.58 13.60
C ILE F 143 1.86 -18.09 13.54
N VAL F 144 1.29 -18.71 12.50
CA VAL F 144 1.49 -20.14 12.29
C VAL F 144 2.28 -20.40 11.01
N ASN F 145 2.29 -19.43 10.11
CA ASN F 145 3.14 -19.49 8.92
C ASN F 145 3.97 -18.24 8.72
N TYR F 146 5.15 -18.41 8.14
CA TYR F 146 6.00 -17.29 7.76
C TYR F 146 6.24 -17.33 6.27
N VAL F 147 6.25 -16.15 5.65
CA VAL F 147 6.56 -16.03 4.24
C VAL F 147 7.89 -15.34 4.04
N GLY F 148 8.78 -15.99 3.30
CA GLY F 148 10.07 -15.41 2.99
C GLY F 148 10.22 -15.17 1.50
N VAL F 149 10.85 -14.06 1.14
CA VAL F 149 11.11 -13.76 -0.26
C VAL F 149 12.60 -13.50 -0.42
N GLN F 150 13.24 -14.24 -1.33
CA GLN F 150 14.68 -14.14 -1.51
C GLN F 150 15.04 -13.47 -2.83
N SER F 151 16.14 -12.74 -2.83
CA SER F 151 16.64 -12.09 -4.04
C SER F 151 18.16 -12.04 -4.05
N LYS F 152 18.75 -12.35 -5.20
CA LYS F 152 20.18 -12.17 -5.38
C LYS F 152 20.42 -10.70 -5.70
N VAL F 153 21.33 -10.08 -4.98
CA VAL F 153 21.65 -8.68 -5.23
C VAL F 153 23.10 -8.50 -5.69
N SER F 154 23.34 -7.46 -6.48
CA SER F 154 24.66 -7.14 -6.98
C SER F 154 25.59 -6.81 -5.82
N GLU F 155 26.89 -7.02 -6.03
CA GLU F 155 27.89 -6.72 -5.02
C GLU F 155 27.75 -5.29 -4.49
N ASP F 156 27.58 -4.34 -5.39
CA ASP F 156 27.57 -2.92 -5.01
C ASP F 156 26.29 -2.48 -4.33
N TYR F 157 25.20 -3.17 -4.63
CA TYR F 157 23.93 -2.87 -3.96
C TYR F 157 23.93 -3.47 -2.57
N ALA F 158 24.57 -4.63 -2.46
CA ALA F 158 24.74 -5.32 -1.18
C ALA F 158 25.53 -4.45 -0.20
N LYS F 159 26.61 -3.87 -0.70
CA LYS F 159 27.45 -3.01 0.12
C LYS F 159 26.61 -1.87 0.70
N LEU F 160 25.80 -1.25 -0.14
CA LEU F 160 24.95 -0.15 0.30
C LEU F 160 24.00 -0.63 1.40
N LEU F 161 23.48 -1.84 1.23
CA LEU F 161 22.55 -2.41 2.20
C LEU F 161 23.23 -2.79 3.52
N VAL F 162 24.39 -3.45 3.41
CA VAL F 162 25.12 -3.88 4.61
C VAL F 162 25.59 -2.65 5.40
N ASN F 163 26.14 -1.68 4.68
CA ASN F 163 26.55 -0.42 5.28
C ASN F 163 25.46 0.19 6.15
N GLU F 164 24.23 0.13 5.65
CA GLU F 164 23.08 0.67 6.37
C GLU F 164 22.77 -0.17 7.61
N GLN F 165 22.96 -1.48 7.50
CA GLN F 165 22.68 -2.39 8.60
C GLN F 165 23.73 -2.28 9.70
N ASN F 166 24.91 -1.77 9.34
CA ASN F 166 26.00 -1.59 10.29
C ASN F 166 25.86 -0.30 11.12
N ILE F 167 24.79 0.45 10.87
CA ILE F 167 24.52 1.67 11.64
C ILE F 167 23.61 1.38 12.82
N1 FMN G . 10.33 4.36 -23.57
C2 FMN G . 11.38 5.22 -23.28
O2 FMN G . 12.44 5.08 -23.88
N3 FMN G . 11.25 6.23 -22.35
C4 FMN G . 10.07 6.40 -21.67
O4 FMN G . 9.98 7.38 -20.90
C4A FMN G . 8.78 5.85 -22.29
N5 FMN G . 7.72 5.61 -21.29
C5A FMN G . 6.70 4.73 -21.59
C6 FMN G . 5.48 4.86 -20.93
C7 FMN G . 4.43 3.99 -21.22
C7M FMN G . 3.07 4.23 -20.64
C8 FMN G . 4.61 2.99 -22.18
C8M FMN G . 3.48 2.06 -22.50
C9 FMN G . 5.83 2.87 -22.84
C9A FMN G . 6.88 3.75 -22.55
N10 FMN G . 8.10 3.62 -23.20
C10 FMN G . 9.13 4.49 -22.92
C1' FMN G . 8.44 2.31 -23.86
C2' FMN G . 8.35 2.39 -25.38
O2' FMN G . 7.26 3.20 -25.77
C3' FMN G . 8.23 1.00 -25.99
O3' FMN G . 7.12 0.35 -25.41
C4' FMN G . 9.51 0.21 -25.73
O4' FMN G . 10.60 0.92 -26.25
C5' FMN G . 9.52 -1.16 -26.39
O5' FMN G . 8.73 -1.10 -27.55
P FMN G . 9.41 -1.18 -29.00
O1P FMN G . 9.91 0.20 -29.33
O2P FMN G . 8.39 -1.61 -30.03
O3P FMN G . 10.56 -2.16 -28.97
N1 FMN H . -18.20 15.25 -9.80
C2 FMN H . -19.20 14.37 -10.16
O2 FMN H . -20.37 14.65 -9.93
N3 FMN H . -18.90 13.16 -10.77
C4 FMN H . -17.59 12.83 -11.05
O4 FMN H . -17.33 11.71 -11.48
C4A FMN H . -16.56 13.96 -11.19
N5 FMN H . -15.20 13.48 -10.93
C5A FMN H . -14.23 14.38 -10.57
C6 FMN H . -12.90 14.08 -10.83
C7 FMN H . -11.91 14.98 -10.48
C7M FMN H . -10.48 14.54 -10.53
C8 FMN H . -12.24 16.19 -9.85
C8M FMN H . -11.17 17.15 -9.47
C9 FMN H . -13.58 16.48 -9.60
C9A FMN H . -14.58 15.58 -9.96
N10 FMN H . -15.91 15.87 -9.70
C10 FMN H . -16.88 14.96 -10.07
C1' FMN H . -16.25 16.85 -8.62
C2' FMN H . -16.76 18.15 -9.24
O2' FMN H . -16.02 18.48 -10.40
C3' FMN H . -16.66 19.28 -8.24
O3' FMN H . -15.38 19.27 -7.64
C4' FMN H . -17.74 19.09 -7.17
O4' FMN H . -19.00 19.16 -7.79
C5' FMN H . -17.67 20.13 -6.06
O5' FMN H . -17.33 21.39 -6.60
P FMN H . -18.51 22.46 -6.85
O1P FMN H . -19.36 21.92 -7.97
O2P FMN H . -17.95 23.81 -7.23
O3P FMN H . -19.34 22.59 -5.59
P PO4 I . -11.40 26.78 -8.66
O1 PO4 I . -12.09 25.76 -9.53
O2 PO4 I . -12.05 28.13 -8.82
O3 PO4 I . -11.52 26.32 -7.22
O4 PO4 I . -9.95 26.91 -9.07
N1 FMN J . 13.91 19.69 10.48
C2 FMN J . 15.21 19.27 10.69
O2 FMN J . 16.15 19.92 10.24
N3 FMN J . 15.47 18.11 11.40
C4 FMN J . 14.43 17.36 11.91
O4 FMN J . 14.67 16.24 12.36
C4A FMN J . 13.08 18.04 12.19
N5 FMN J . 11.98 17.09 12.19
C5A FMN J . 10.70 17.54 11.97
C6 FMN J . 9.62 16.82 12.46
C7 FMN J . 8.33 17.26 12.25
C7M FMN J . 7.21 16.68 13.06
C8 FMN J . 8.11 18.44 11.53
C8M FMN J . 6.71 18.86 11.24
C9 FMN J . 9.18 19.16 11.03
C9A FMN J . 10.48 18.72 11.25
N10 FMN J . 11.55 19.44 10.75
C10 FMN J . 12.84 18.97 10.99
C1' FMN J . 11.34 20.51 9.71
C2' FMN J . 11.48 21.90 10.32
O2' FMN J . 10.41 22.14 11.22
C3' FMN J . 11.48 23.00 9.26
O3' FMN J . 10.66 22.63 8.18
C4' FMN J . 12.90 23.26 8.76
O4' FMN J . 13.72 23.56 9.86
C5' FMN J . 12.95 24.42 7.78
O5' FMN J . 12.43 25.58 8.40
P FMN J . 13.35 26.89 8.60
O1P FMN J . 14.05 26.76 9.94
O2P FMN J . 12.50 28.13 8.58
O3P FMN J . 14.39 26.98 7.51
N1 FMN K . -12.14 -0.55 23.55
C2 FMN K . -13.42 -0.06 23.43
O2 FMN K . -14.37 -0.74 23.82
N3 FMN K . -13.64 1.18 22.87
C4 FMN K . -12.58 1.95 22.42
O4 FMN K . -12.81 2.95 21.74
C4A FMN K . -11.19 1.70 23.01
N5 FMN K . -10.11 2.16 22.12
C5A FMN K . -8.85 1.62 22.27
C6 FMN K . -7.74 2.34 21.84
C7 FMN K . -6.46 1.81 21.98
C7M FMN K . -5.28 2.73 21.87
C8 FMN K . -6.30 0.55 22.56
C8M FMN K . -4.93 -0.06 22.62
C9 FMN K . -7.41 -0.16 22.98
C9A FMN K . -8.69 0.36 22.85
N10 FMN K . -9.78 -0.37 23.28
C10 FMN K . -11.04 0.17 23.13
C1' FMN K . -9.64 -1.83 23.56
C2' FMN K . -9.44 -2.08 25.06
O2' FMN K . -8.44 -1.23 25.56
C3' FMN K . -9.06 -3.53 25.35
O3' FMN K . -8.12 -3.97 24.40
C4' FMN K . -10.29 -4.44 25.31
O4' FMN K . -11.24 -3.97 26.24
C5' FMN K . -9.94 -5.88 25.65
O5' FMN K . -9.25 -5.93 26.87
P FMN K . -9.88 -6.72 28.12
O1P FMN K . -11.03 -5.90 28.68
O2P FMN K . -8.83 -6.91 29.20
O3P FMN K . -10.40 -8.06 27.67
N1 FMN L . -12.22 -21.94 -7.25
C2 FMN L . -13.21 -22.09 -6.29
O2 FMN L . -14.33 -22.48 -6.61
N3 FMN L . -12.95 -21.80 -4.97
C4 FMN L . -11.72 -21.36 -4.56
O4 FMN L . -11.53 -21.05 -3.38
C4A FMN L . -10.50 -21.69 -5.45
N5 FMN L . -9.40 -20.75 -5.20
C5A FMN L . -8.42 -20.62 -6.16
C6 FMN L . -7.16 -20.18 -5.80
C7 FMN L . -6.17 -20.02 -6.76
C7M FMN L . -4.74 -19.80 -6.35
C8 FMN L . -6.45 -20.32 -8.09
C8M FMN L . -5.36 -20.24 -9.12
C9 FMN L . -7.72 -20.76 -8.45
C9A FMN L . -8.72 -20.91 -7.49
N10 FMN L . -9.98 -21.35 -7.87
C10 FMN L . -10.95 -21.51 -6.90
C1' FMN L . -10.40 -21.19 -9.30
C2' FMN L . -10.49 -22.55 -9.98
O2' FMN L . -9.41 -23.39 -9.60
C3' FMN L . -10.50 -22.40 -11.49
O3' FMN L . -9.42 -21.59 -11.89
C4' FMN L . -11.82 -21.77 -11.92
O4' FMN L . -12.89 -22.55 -11.42
C5' FMN L . -11.99 -21.61 -13.43
O5' FMN L . -11.27 -22.62 -14.12
P FMN L . -12.05 -23.87 -14.79
O1P FMN L . -12.66 -24.68 -13.67
O2P FMN L . -11.09 -24.72 -15.56
O3P FMN L . -13.16 -23.37 -15.69
N1 FMN M . 17.85 -17.24 6.42
C2 FMN M . 18.77 -17.15 5.40
O2 FMN M . 19.98 -17.17 5.65
N3 FMN M . 18.37 -17.06 4.08
C4 FMN M . 17.03 -17.04 3.74
O4 FMN M . 16.73 -17.01 2.55
C4A FMN M . 16.04 -17.63 4.75
N5 FMN M . 14.68 -17.11 4.57
C5A FMN M . 13.78 -17.22 5.61
C6 FMN M . 12.42 -17.20 5.35
C7 FMN M . 11.51 -17.29 6.40
C7M FMN M . 10.06 -17.04 6.12
C8 FMN M . 11.97 -17.39 7.70
C8M FMN M . 10.98 -17.60 8.82
C9 FMN M . 13.33 -17.40 7.97
C9A FMN M . 14.24 -17.32 6.93
N10 FMN M . 15.60 -17.32 7.20
C10 FMN M . 16.50 -17.23 6.15
C1' FMN M . 16.07 -16.96 8.58
C2' FMN M . 16.65 -18.19 9.27
O2' FMN M . 15.79 -19.30 9.12
C3' FMN M . 16.88 -17.92 10.75
O3' FMN M . 15.77 -17.23 11.27
C4' FMN M . 18.14 -17.08 10.92
O4' FMN M . 19.28 -17.90 10.67
C5' FMN M . 18.27 -16.48 12.32
O5' FMN M . 17.84 -17.40 13.31
P FMN M . 18.91 -18.37 14.02
O1P FMN M . 19.60 -19.17 12.94
O2P FMN M . 18.21 -19.30 14.98
O3P FMN M . 19.94 -17.55 14.75
P PO4 N . 11.89 -22.30 17.35
O1 PO4 N . 12.77 -23.31 18.07
O2 PO4 N . 10.58 -22.98 17.01
O3 PO4 N . 11.65 -21.11 18.27
O4 PO4 N . 12.58 -21.78 16.11
#